data_5WEA
#
_entry.id   5WEA
#
_cell.length_a   63.261
_cell.length_b   107.880
_cell.length_c   68.723
_cell.angle_alpha   90.000
_cell.angle_beta   107.460
_cell.angle_gamma   90.000
#
_symmetry.space_group_name_H-M   'P 1 21 1'
#
loop_
_entity.id
_entity.type
_entity.pdbx_description
1 polymer 'Protein argonaute-2'
2 polymer "RNA (5'-R(P*AP*AP*AP*AP*AP*AP*AP*U)-3')"
3 non-polymer PHENOL
4 water water
#
loop_
_entity_poly.entity_id
_entity_poly.type
_entity_poly.pdbx_seq_one_letter_code
_entity_poly.pdbx_strand_id
1 'polypeptide(L)'
;MYSGAGPALAPPAPPPPIQGYAFKPPPRPDFGTSGRTIKLQANFFEMDIPKIDIYHYELDIKPEKCPRRVNREIVEHMVQ
HFKTQIFGDRKPVFDGRKNLYTAMPLPIGRDKVELEVTLPGEGKDRIFKVSIKWVSCVSLQALHDALSGRLPSVPFETIQ
ALDVVMRHLPSMRYTPVGRSFFTASEGCSNPLGGGREVWFGFHQSVRPSLWKMMLNIDVSATAFYKAQPVIEFVCEVLDF
KSIEEQQKPLTDSQRVKFTKEIKGLKVEITHCGQMKRKYRVCNVTRRPASHQTFPLQQESGQTVECTVAQYFKDRHKLVL
RYPHLPCLQVGQEQKHTYLPLEVCNIVAGQRCIKKLTDNQTSTAARATARSAPDRQEEISKLMRSADFNTDPYVREFGIM
VKDEMTDVTGRVLQPPSILYGGRNKAIATPVQGVWDMRNKQFHTGIEIKVWAIACFAPQRQCTEVHLKSFTEQLRKISRD
AGMPIQGQPCFCKYAQGADSVEPMFRHLKNTYAGLQLVVVILPGKTPVYAEVKRVGDTVLGMATQCVQMKNVQRTTPQTL
SNLCLKINVKLGGVNNILLPQGRPPVFQQPVIFLGADVTHPPAGDGKKPSIAAVVGSMDAHPNRYCATVRVQQHRQEIIQ
DLAAMVRELLIQFYKSTRFKPTRIIFYRDGVSEGQFQQVLHHELLAIREACIKLEKDYQPGITFIVVQKRHHTRLFCTDK
NERVGKSGNIPAGTTVDTKITHPTEFDFYLCSHAGIQGTSRPSHYHVLWDDNRFSSDELQILTYQLCHTYVRCTRSVSIP
APAYYAHLVAFRARYHLVDKEHDAAEGDHTDGQANGRDHQALAKAVQVHQDTLRTMYFA
;
A
2 'polyribonucleotide' AAAAAAAU B
#
# COMPACT_ATOMS: atom_id res chain seq x y z
N PHE A 23 16.11 15.74 -12.81
CA PHE A 23 17.17 14.90 -12.28
C PHE A 23 17.19 14.94 -10.75
N LYS A 24 17.49 16.11 -10.18
CA LYS A 24 17.58 16.23 -8.74
C LYS A 24 16.38 16.97 -8.16
N PRO A 25 15.98 16.66 -6.94
CA PRO A 25 14.85 17.36 -6.32
C PRO A 25 15.17 18.81 -6.05
N PRO A 26 14.16 19.66 -5.91
CA PRO A 26 14.40 21.08 -5.68
C PRO A 26 14.60 21.37 -4.21
N PRO A 27 15.31 22.45 -3.87
CA PRO A 27 15.43 22.84 -2.47
C PRO A 27 14.11 23.36 -1.93
N ARG A 28 13.90 23.14 -0.63
CA ARG A 28 12.67 23.55 0.03
C ARG A 28 12.47 25.06 -0.11
N PRO A 29 11.35 25.53 -0.68
CA PRO A 29 11.17 26.97 -0.88
C PRO A 29 11.01 27.74 0.43
N ASP A 30 10.18 27.23 1.32
CA ASP A 30 9.89 27.91 2.58
C ASP A 30 9.19 26.92 3.51
N PHE A 31 8.81 27.40 4.68
CA PHE A 31 7.99 26.64 5.61
C PHE A 31 6.55 27.11 5.68
N GLY A 32 6.25 28.29 5.12
CA GLY A 32 4.89 28.76 5.04
C GLY A 32 4.26 29.18 6.35
N THR A 33 3.18 29.97 6.27
CA THR A 33 2.44 30.45 7.43
C THR A 33 0.95 30.46 7.08
N SER A 34 0.31 29.30 7.21
CA SER A 34 -1.11 29.18 6.92
C SER A 34 -1.74 28.16 7.86
N GLY A 35 -2.90 28.50 8.40
CA GLY A 35 -3.58 27.66 9.36
C GLY A 35 -3.21 27.97 10.79
N ARG A 36 -3.98 27.40 11.71
CA ARG A 36 -3.74 27.62 13.14
C ARG A 36 -2.78 26.56 13.68
N THR A 37 -1.98 26.97 14.66
CA THR A 37 -0.93 26.10 15.17
C THR A 37 -1.47 25.17 16.25
N ILE A 38 -0.89 23.98 16.32
CA ILE A 38 -1.28 22.94 17.26
C ILE A 38 -0.04 22.23 17.77
N LYS A 39 0.02 21.98 19.08
CA LYS A 39 1.11 21.22 19.66
C LYS A 39 0.88 19.74 19.46
N LEU A 40 1.89 19.05 18.92
CA LEU A 40 1.80 17.63 18.62
C LEU A 40 3.03 16.90 19.18
N GLN A 41 3.02 15.58 19.04
CA GLN A 41 4.17 14.75 19.34
C GLN A 41 4.32 13.71 18.23
N ALA A 42 5.57 13.30 17.99
CA ALA A 42 5.86 12.33 16.95
C ALA A 42 6.78 11.25 17.51
N ASN A 43 6.66 10.05 16.96
CA ASN A 43 7.50 8.93 17.40
C ASN A 43 8.89 9.01 16.78
N PHE A 44 9.35 10.22 16.51
CA PHE A 44 10.73 10.49 16.10
C PHE A 44 11.52 10.85 17.36
N PHE A 45 12.56 10.08 17.64
CA PHE A 45 13.33 10.24 18.87
C PHE A 45 14.72 10.72 18.52
N GLU A 46 15.09 11.89 19.03
CA GLU A 46 16.36 12.52 18.67
C GLU A 46 17.54 11.64 19.07
N MET A 47 18.58 11.66 18.25
CA MET A 47 19.79 10.90 18.49
C MET A 47 20.95 11.87 18.65
N ASP A 48 21.63 11.79 19.79
CA ASP A 48 22.85 12.56 20.00
C ASP A 48 24.00 11.78 19.38
N ILE A 49 24.43 12.20 18.21
CA ILE A 49 25.42 11.47 17.41
C ILE A 49 26.80 12.02 17.71
N PRO A 50 27.79 11.19 17.97
CA PRO A 50 29.15 11.69 18.16
C PRO A 50 29.75 12.17 16.84
N LYS A 51 30.89 12.84 16.94
CA LYS A 51 31.58 13.38 15.79
C LYS A 51 32.79 12.53 15.38
N ILE A 52 32.92 11.33 15.93
CA ILE A 52 34.04 10.44 15.63
C ILE A 52 33.83 9.80 14.27
N ASP A 53 34.81 9.01 13.82
CA ASP A 53 34.71 8.28 12.57
C ASP A 53 34.38 6.82 12.83
N ILE A 54 33.71 6.21 11.86
CA ILE A 54 33.31 4.81 11.92
C ILE A 54 34.07 4.06 10.84
N TYR A 55 34.44 2.81 11.13
CA TYR A 55 35.32 2.01 10.28
C TYR A 55 34.54 0.83 9.74
N HIS A 56 34.47 0.73 8.41
CA HIS A 56 33.65 -0.27 7.71
C HIS A 56 34.56 -1.39 7.21
N TYR A 57 34.08 -2.63 7.33
CA TYR A 57 34.83 -3.81 6.92
C TYR A 57 33.92 -4.71 6.09
N GLU A 58 34.36 -5.04 4.88
CA GLU A 58 33.65 -6.02 4.07
C GLU A 58 33.87 -7.42 4.61
N LEU A 59 32.84 -8.26 4.51
CA LEU A 59 32.89 -9.62 5.03
C LEU A 59 32.41 -10.59 3.96
N ASP A 60 33.35 -11.30 3.33
CA ASP A 60 33.02 -12.37 2.38
C ASP A 60 33.17 -13.70 3.09
N ILE A 61 32.06 -14.41 3.25
CA ILE A 61 32.01 -15.67 3.99
C ILE A 61 31.58 -16.77 3.04
N LYS A 62 32.26 -17.91 3.09
CA LYS A 62 31.93 -19.04 2.23
C LYS A 62 31.33 -20.19 3.04
N PRO A 63 30.23 -20.78 2.54
CA PRO A 63 29.54 -20.37 1.31
C PRO A 63 28.67 -19.14 1.48
N GLU A 64 28.54 -18.35 0.41
CA GLU A 64 27.75 -17.13 0.44
C GLU A 64 26.25 -17.39 0.43
N LYS A 65 25.81 -18.65 0.45
CA LYS A 65 24.39 -18.98 0.33
C LYS A 65 23.62 -18.76 1.62
N CYS A 66 24.30 -18.65 2.76
CA CYS A 66 23.63 -18.61 4.04
C CYS A 66 22.74 -17.38 4.16
N PRO A 67 21.59 -17.51 4.82
CA PRO A 67 20.65 -16.38 4.93
C PRO A 67 21.14 -15.29 5.86
N ARG A 68 20.26 -14.34 6.17
CA ARG A 68 20.65 -13.21 7.02
C ARG A 68 21.00 -13.65 8.43
N ARG A 69 20.21 -14.58 8.99
CA ARG A 69 20.36 -14.90 10.40
C ARG A 69 21.66 -15.66 10.68
N VAL A 70 22.03 -16.58 9.78
CA VAL A 70 23.17 -17.46 10.06
C VAL A 70 24.48 -16.67 10.05
N ASN A 71 24.65 -15.76 9.08
CA ASN A 71 25.86 -14.94 9.05
C ASN A 71 25.99 -14.13 10.33
N ARG A 72 24.86 -13.68 10.90
CA ARG A 72 24.91 -12.97 12.16
C ARG A 72 25.33 -13.88 13.31
N GLU A 73 25.02 -15.18 13.22
CA GLU A 73 25.52 -16.12 14.22
C GLU A 73 27.00 -16.40 14.00
N ILE A 74 27.44 -16.45 12.74
CA ILE A 74 28.85 -16.69 12.44
C ILE A 74 29.71 -15.57 13.01
N VAL A 75 29.31 -14.32 12.75
CA VAL A 75 30.02 -13.19 13.34
C VAL A 75 29.94 -13.25 14.87
N GLU A 76 28.75 -13.58 15.39
CA GLU A 76 28.58 -13.69 16.84
C GLU A 76 29.54 -14.71 17.44
N HIS A 77 29.79 -15.81 16.71
CA HIS A 77 30.68 -16.83 17.23
C HIS A 77 32.14 -16.45 17.09
N MET A 78 32.52 -15.84 15.96
CA MET A 78 33.92 -15.49 15.74
C MET A 78 34.36 -14.25 16.53
N VAL A 79 33.42 -13.39 16.91
CA VAL A 79 33.78 -12.24 17.73
C VAL A 79 34.24 -12.69 19.11
N GLN A 80 33.61 -13.73 19.65
CA GLN A 80 34.06 -14.30 20.91
C GLN A 80 35.30 -15.19 20.72
N HIS A 81 35.37 -15.90 19.59
CA HIS A 81 36.46 -16.84 19.37
C HIS A 81 37.80 -16.14 19.24
N PHE A 82 37.85 -15.05 18.47
CA PHE A 82 39.08 -14.32 18.20
C PHE A 82 39.19 -13.05 19.03
N LYS A 83 38.83 -13.12 20.31
CA LYS A 83 38.91 -11.96 21.18
C LYS A 83 40.36 -11.52 21.38
N THR A 84 41.27 -12.48 21.58
CA THR A 84 42.67 -12.15 21.77
C THR A 84 43.36 -11.79 20.46
N GLN A 85 42.92 -12.37 19.34
CA GLN A 85 43.63 -12.20 18.08
C GLN A 85 43.40 -10.81 17.49
N ILE A 86 42.15 -10.44 17.26
CA ILE A 86 41.87 -9.30 16.40
C ILE A 86 40.96 -8.26 17.06
N PHE A 87 39.91 -8.70 17.75
CA PHE A 87 38.90 -7.77 18.24
C PHE A 87 39.36 -7.06 19.51
N GLY A 88 39.39 -7.77 20.63
CA GLY A 88 39.84 -7.19 21.88
C GLY A 88 38.70 -6.52 22.61
N ASP A 89 38.90 -5.24 22.98
CA ASP A 89 37.88 -4.52 23.74
C ASP A 89 36.65 -4.21 22.88
N ARG A 90 36.83 -4.05 21.58
CA ARG A 90 35.76 -3.58 20.72
C ARG A 90 34.63 -4.60 20.61
N LYS A 91 33.43 -4.10 20.37
CA LYS A 91 32.26 -4.92 20.08
C LYS A 91 31.69 -4.47 18.74
N PRO A 92 31.71 -5.31 17.71
CA PRO A 92 31.29 -4.88 16.37
C PRO A 92 29.82 -5.14 16.08
N VAL A 93 29.23 -4.20 15.33
CA VAL A 93 27.89 -4.37 14.79
C VAL A 93 27.99 -5.03 13.43
N PHE A 94 26.96 -5.79 13.06
CA PHE A 94 26.99 -6.58 11.84
C PHE A 94 25.77 -6.28 10.99
N ASP A 95 26.00 -6.06 9.70
CA ASP A 95 24.90 -5.80 8.77
C ASP A 95 23.98 -7.01 8.64
N GLY A 96 24.54 -8.22 8.75
CA GLY A 96 23.83 -9.44 8.46
C GLY A 96 24.30 -10.12 7.19
N ARG A 97 24.91 -9.38 6.28
CA ARG A 97 25.46 -9.96 5.06
C ARG A 97 26.97 -9.81 5.00
N LYS A 98 27.45 -8.65 4.53
CA LYS A 98 28.87 -8.47 4.21
C LYS A 98 29.43 -7.15 4.74
N ASN A 99 28.81 -6.57 5.75
CA ASN A 99 29.27 -5.30 6.31
C ASN A 99 29.42 -5.41 7.82
N LEU A 100 30.53 -4.87 8.35
CA LEU A 100 30.80 -4.87 9.78
C LEU A 100 31.45 -3.55 10.16
N TYR A 101 30.76 -2.77 10.99
CA TYR A 101 31.27 -1.48 11.47
C TYR A 101 31.75 -1.61 12.91
N THR A 102 32.77 -0.83 13.24
CA THR A 102 33.31 -0.79 14.60
C THR A 102 33.52 0.66 15.02
N ALA A 103 33.69 0.85 16.33
CA ALA A 103 33.88 2.19 16.87
C ALA A 103 35.25 2.74 16.48
N MET A 104 36.30 2.07 16.91
CA MET A 104 37.68 2.44 16.60
C MET A 104 38.31 1.40 15.67
N PRO A 105 39.39 1.73 14.96
CA PRO A 105 39.91 0.82 13.95
C PRO A 105 40.45 -0.47 14.54
N LEU A 106 40.72 -1.42 13.66
CA LEU A 106 41.23 -2.73 13.98
C LEU A 106 42.60 -2.92 13.35
N PRO A 107 43.42 -3.84 13.87
CA PRO A 107 44.64 -4.23 13.15
C PRO A 107 44.36 -4.88 11.80
N ILE A 108 43.10 -5.21 11.51
CA ILE A 108 42.74 -5.82 10.23
C ILE A 108 43.04 -4.87 9.08
N GLY A 109 42.96 -3.56 9.32
CA GLY A 109 43.26 -2.54 8.34
C GLY A 109 44.45 -2.85 7.46
N ARG A 110 44.23 -2.75 6.15
CA ARG A 110 45.18 -2.97 5.04
C ARG A 110 45.16 -4.43 4.59
N ASP A 111 44.26 -5.25 5.16
CA ASP A 111 44.15 -6.69 4.85
C ASP A 111 45.35 -7.47 5.41
N LYS A 112 45.21 -8.78 5.68
CA LYS A 112 44.01 -9.60 5.48
C LYS A 112 43.97 -10.69 6.55
N VAL A 113 42.77 -11.20 6.86
CA VAL A 113 42.63 -12.36 7.74
C VAL A 113 41.63 -13.32 7.11
N GLU A 114 41.99 -14.61 7.07
CA GLU A 114 41.11 -15.68 6.62
C GLU A 114 40.87 -16.61 7.81
N LEU A 115 39.60 -16.78 8.18
CA LEU A 115 39.25 -17.40 9.45
C LEU A 115 38.21 -18.51 9.27
N GLU A 116 38.38 -19.59 10.02
CA GLU A 116 37.43 -20.69 10.05
C GLU A 116 36.60 -20.64 11.33
N VAL A 117 35.39 -21.18 11.25
CA VAL A 117 34.41 -21.09 12.33
C VAL A 117 34.24 -22.41 13.08
N THR A 118 35.15 -23.36 12.88
CA THR A 118 35.10 -24.68 13.51
C THR A 118 33.84 -25.44 13.14
N LEU A 119 33.64 -26.61 13.76
CA LEU A 119 32.47 -27.43 13.47
C LEU A 119 31.24 -26.90 14.20
N ILE A 127 33.63 -24.46 9.48
CA ILE A 127 33.54 -24.85 8.08
C ILE A 127 33.43 -23.61 7.20
N PHE A 128 33.02 -22.50 7.79
CA PHE A 128 32.89 -21.23 7.08
C PHE A 128 34.22 -20.48 7.13
N LYS A 129 34.70 -20.07 5.96
CA LYS A 129 35.92 -19.26 5.86
C LYS A 129 35.52 -17.79 5.78
N VAL A 130 35.97 -17.01 6.75
CA VAL A 130 35.58 -15.62 6.90
C VAL A 130 36.76 -14.72 6.54
N SER A 131 36.48 -13.65 5.80
CA SER A 131 37.50 -12.70 5.38
C SER A 131 37.07 -11.30 5.82
N ILE A 132 37.91 -10.65 6.62
CA ILE A 132 37.66 -9.29 7.10
C ILE A 132 38.61 -8.37 6.36
N LYS A 133 38.07 -7.54 5.47
CA LYS A 133 38.84 -6.59 4.68
C LYS A 133 38.42 -5.17 5.01
N TRP A 134 39.39 -4.33 5.35
CA TRP A 134 39.09 -2.93 5.61
C TRP A 134 38.70 -2.21 4.33
N VAL A 135 37.77 -1.27 4.45
CA VAL A 135 37.26 -0.56 3.28
C VAL A 135 37.58 0.92 3.38
N SER A 136 36.77 1.67 4.14
CA SER A 136 36.94 3.11 4.24
C SER A 136 36.39 3.60 5.56
N CYS A 137 36.84 4.78 5.96
CA CYS A 137 36.36 5.42 7.18
C CYS A 137 35.06 6.17 6.92
N VAL A 138 34.13 6.04 7.85
CA VAL A 138 32.84 6.72 7.77
C VAL A 138 32.89 7.90 8.72
N SER A 139 32.92 9.11 8.17
CA SER A 139 33.00 10.33 8.97
C SER A 139 31.60 10.77 9.37
N LEU A 140 31.36 10.93 10.68
CA LEU A 140 30.04 11.28 11.17
C LEU A 140 29.76 12.77 11.09
N GLN A 141 30.80 13.61 11.14
CA GLN A 141 30.57 15.05 11.04
C GLN A 141 29.95 15.43 9.70
N ALA A 142 30.23 14.65 8.65
CA ALA A 142 29.56 14.86 7.37
C ALA A 142 28.05 14.88 7.54
N LEU A 143 27.53 13.99 8.39
CA LEU A 143 26.11 14.06 8.74
C LEU A 143 25.80 15.31 9.55
N HIS A 144 26.60 15.57 10.60
CA HIS A 144 26.45 16.81 11.35
C HIS A 144 26.56 18.05 10.46
N ASP A 145 27.21 17.91 9.30
CA ASP A 145 27.27 19.00 8.33
C ASP A 145 26.19 18.90 7.27
N ALA A 146 25.78 17.69 6.89
CA ALA A 146 24.74 17.53 5.87
C ALA A 146 23.39 18.01 6.36
N LEU A 147 23.17 18.06 7.67
CA LEU A 147 21.93 18.59 8.24
C LEU A 147 21.98 20.09 8.45
N SER A 148 23.04 20.75 8.00
CA SER A 148 23.18 22.19 8.14
C SER A 148 23.93 22.74 6.92
N GLY A 149 23.48 22.39 5.72
CA GLY A 149 24.12 22.82 4.50
C GLY A 149 24.90 21.71 3.83
N ARG A 150 26.00 22.06 3.18
CA ARG A 150 26.86 21.11 2.46
C ARG A 150 26.06 20.25 1.48
N VAL A 154 23.61 14.55 1.75
CA VAL A 154 23.01 13.46 2.52
C VAL A 154 23.74 12.16 2.18
N PRO A 155 24.84 11.89 2.88
CA PRO A 155 25.58 10.64 2.64
C PRO A 155 24.80 9.41 3.10
N PHE A 156 24.39 8.58 2.14
CA PHE A 156 23.59 7.41 2.46
C PHE A 156 24.37 6.40 3.29
N GLU A 157 25.65 6.22 2.98
CA GLU A 157 26.46 5.22 3.68
C GLU A 157 26.57 5.52 5.17
N THR A 158 26.61 6.81 5.54
CA THR A 158 26.67 7.17 6.96
C THR A 158 25.37 6.81 7.66
N ILE A 159 24.23 7.21 7.07
CA ILE A 159 22.94 6.80 7.60
C ILE A 159 22.77 5.29 7.50
N GLN A 160 23.33 4.68 6.44
CA GLN A 160 23.34 3.23 6.34
C GLN A 160 24.06 2.60 7.52
N ALA A 161 25.13 3.24 8.00
CA ALA A 161 25.91 2.72 9.11
C ALA A 161 25.18 2.88 10.44
N LEU A 162 24.55 4.04 10.66
CA LEU A 162 23.88 4.28 11.93
C LEU A 162 22.72 3.31 12.14
N ASP A 163 22.01 2.95 11.07
CA ASP A 163 20.93 1.99 11.20
C ASP A 163 21.46 0.62 11.59
N VAL A 164 22.59 0.20 11.02
CA VAL A 164 23.17 -1.10 11.34
C VAL A 164 23.51 -1.19 12.82
N VAL A 165 23.99 -0.09 13.41
CA VAL A 165 24.32 -0.08 14.83
C VAL A 165 23.07 -0.32 15.67
N MET A 166 22.01 0.46 15.42
CA MET A 166 20.79 0.32 16.19
C MET A 166 20.05 -0.97 15.87
N ARG A 167 20.11 -1.42 14.61
CA ARG A 167 19.41 -2.63 14.19
C ARG A 167 20.03 -3.90 14.74
N HIS A 168 21.32 -3.88 15.08
CA HIS A 168 22.08 -5.11 15.27
C HIS A 168 21.56 -5.93 16.45
N LEU A 169 21.56 -5.35 17.64
CA LEU A 169 21.18 -6.11 18.83
C LEU A 169 19.73 -6.60 18.80
N PRO A 170 18.73 -5.79 18.41
CA PRO A 170 17.38 -6.37 18.26
C PRO A 170 17.31 -7.48 17.23
N SER A 171 18.20 -7.47 16.23
CA SER A 171 18.25 -8.57 15.28
C SER A 171 18.71 -9.87 15.95
N MET A 172 19.58 -9.77 16.97
CA MET A 172 19.97 -10.95 17.72
C MET A 172 18.79 -11.54 18.48
N ARG A 173 18.02 -10.68 19.16
CA ARG A 173 17.01 -11.15 20.08
C ARG A 173 15.73 -11.58 19.36
N TYR A 174 15.19 -10.69 18.52
CA TYR A 174 13.92 -10.93 17.85
C TYR A 174 14.11 -11.43 16.44
N THR A 175 13.00 -11.82 15.81
CA THR A 175 13.01 -12.28 14.43
C THR A 175 12.76 -11.09 13.52
N PRO A 176 13.76 -10.65 12.75
CA PRO A 176 13.57 -9.45 11.92
C PRO A 176 12.70 -9.75 10.70
N VAL A 177 11.83 -8.80 10.37
CA VAL A 177 10.98 -8.86 9.18
C VAL A 177 11.12 -7.51 8.49
N GLY A 178 11.99 -7.42 7.49
CA GLY A 178 12.25 -6.16 6.85
C GLY A 178 12.91 -5.20 7.83
N ARG A 179 12.28 -4.05 8.05
CA ARG A 179 12.73 -3.13 9.09
C ARG A 179 12.16 -3.46 10.45
N SER A 180 10.96 -4.02 10.50
CA SER A 180 10.29 -4.28 11.75
C SER A 180 10.89 -5.49 12.47
N PHE A 181 10.59 -5.59 13.75
CA PHE A 181 10.97 -6.73 14.58
C PHE A 181 9.73 -7.39 15.14
N PHE A 182 9.82 -8.69 15.39
CA PHE A 182 8.71 -9.44 15.94
C PHE A 182 9.23 -10.57 16.81
N THR A 183 8.36 -11.10 17.67
CA THR A 183 8.69 -12.22 18.52
C THR A 183 7.44 -13.08 18.71
N ALA A 184 7.65 -14.36 18.98
CA ALA A 184 6.57 -15.31 19.16
C ALA A 184 6.02 -15.18 20.58
N SER A 185 5.03 -14.29 20.72
CA SER A 185 4.38 -14.03 22.01
C SER A 185 5.39 -13.61 23.07
N GLY A 195 -4.51 -20.80 8.42
CA GLY A 195 -3.89 -21.11 9.69
C GLY A 195 -2.86 -20.08 10.11
N ARG A 196 -3.30 -18.83 10.20
CA ARG A 196 -2.42 -17.72 10.56
C ARG A 196 -2.35 -17.54 12.08
N GLU A 197 -1.42 -16.70 12.50
CA GLU A 197 -1.29 -16.33 13.91
C GLU A 197 -0.60 -14.98 14.00
N VAL A 198 -1.12 -14.11 14.86
CA VAL A 198 -0.66 -12.73 14.95
C VAL A 198 0.53 -12.66 15.90
N TRP A 199 1.59 -11.99 15.45
CA TRP A 199 2.79 -11.76 16.24
C TRP A 199 2.92 -10.26 16.50
N PHE A 200 3.08 -9.89 17.76
CA PHE A 200 3.23 -8.49 18.15
C PHE A 200 4.70 -8.13 18.22
N GLY A 201 5.10 -7.12 17.45
CA GLY A 201 6.46 -6.64 17.45
C GLY A 201 6.53 -5.14 17.34
N PHE A 202 7.48 -4.62 16.56
CA PHE A 202 7.61 -3.19 16.38
C PHE A 202 8.51 -2.90 15.19
N HIS A 203 8.50 -1.64 14.76
CA HIS A 203 9.30 -1.16 13.65
C HIS A 203 10.36 -0.19 14.14
N GLN A 204 11.51 -0.19 13.46
CA GLN A 204 12.63 0.67 13.81
C GLN A 204 13.34 1.11 12.55
N SER A 205 13.67 2.39 12.47
CA SER A 205 14.39 2.93 11.33
C SER A 205 15.02 4.26 11.71
N VAL A 206 16.24 4.48 11.22
CA VAL A 206 16.95 5.73 11.45
C VAL A 206 16.68 6.68 10.28
N ARG A 207 16.09 7.84 10.59
CA ARG A 207 15.70 8.78 9.56
C ARG A 207 16.36 10.14 9.78
N PRO A 208 16.80 10.79 8.70
CA PRO A 208 17.37 12.14 8.85
C PRO A 208 16.29 13.19 8.93
N SER A 209 16.63 14.28 9.63
CA SER A 209 15.73 15.42 9.75
C SER A 209 16.58 16.68 9.85
N LEU A 210 15.92 17.83 10.00
CA LEU A 210 16.61 19.10 10.02
C LEU A 210 17.50 19.22 11.26
N TRP A 211 18.77 19.54 11.02
CA TRP A 211 19.76 19.89 12.05
C TRP A 211 20.25 18.70 12.86
N LYS A 212 19.42 17.70 13.09
CA LYS A 212 19.81 16.55 13.91
C LYS A 212 19.35 15.26 13.24
N MET A 213 19.63 14.15 13.90
CA MET A 213 19.21 12.82 13.47
C MET A 213 18.22 12.24 14.47
N MET A 214 17.31 11.41 13.99
CA MET A 214 16.22 10.92 14.82
C MET A 214 15.99 9.44 14.57
N LEU A 215 15.32 8.80 15.53
CA LEU A 215 14.98 7.38 15.48
C LEU A 215 13.47 7.24 15.46
N ASN A 216 12.95 6.51 14.47
CA ASN A 216 11.52 6.31 14.31
C ASN A 216 11.16 4.92 14.81
N ILE A 217 10.32 4.85 15.83
CA ILE A 217 9.88 3.60 16.45
C ILE A 217 8.36 3.57 16.43
N ASP A 218 7.79 2.40 16.15
CA ASP A 218 6.35 2.24 16.09
C ASP A 218 5.98 0.80 16.40
N VAL A 219 4.84 0.63 17.08
CA VAL A 219 4.34 -0.71 17.37
C VAL A 219 3.77 -1.32 16.09
N SER A 220 4.13 -2.57 15.83
CA SER A 220 3.73 -3.25 14.60
C SER A 220 3.22 -4.65 14.92
N ALA A 221 2.15 -5.05 14.24
CA ALA A 221 1.60 -6.39 14.33
C ALA A 221 1.42 -6.94 12.92
N THR A 222 1.61 -8.25 12.79
CA THR A 222 1.56 -8.88 11.47
C THR A 222 1.10 -10.33 11.64
N ALA A 223 0.34 -10.81 10.65
CA ALA A 223 -0.10 -12.20 10.64
C ALA A 223 1.06 -13.10 10.22
N PHE A 224 1.27 -14.18 10.97
CA PHE A 224 2.31 -15.15 10.70
C PHE A 224 1.70 -16.54 10.63
N TYR A 225 2.25 -17.37 9.74
CA TYR A 225 1.79 -18.76 9.67
C TYR A 225 2.22 -19.52 10.92
N LYS A 226 1.25 -20.12 11.59
CA LYS A 226 1.50 -20.79 12.86
C LYS A 226 2.38 -22.02 12.65
N ALA A 227 3.25 -22.27 13.65
CA ALA A 227 4.16 -23.42 13.63
C ALA A 227 3.34 -24.69 13.88
N GLN A 228 2.74 -25.19 12.80
CA GLN A 228 1.87 -26.34 12.90
C GLN A 228 2.43 -27.51 12.12
N PRO A 229 2.24 -28.74 12.59
CA PRO A 229 2.39 -29.90 11.71
C PRO A 229 1.44 -29.76 10.54
N VAL A 230 1.94 -30.07 9.34
CA VAL A 230 1.15 -29.86 8.13
C VAL A 230 -0.17 -30.60 8.20
N ILE A 231 -0.20 -31.76 8.87
CA ILE A 231 -1.44 -32.51 9.00
C ILE A 231 -2.53 -31.68 9.67
N GLU A 232 -2.16 -30.90 10.70
CA GLU A 232 -3.11 -29.98 11.29
C GLU A 232 -3.25 -28.70 10.45
N PHE A 233 -2.21 -28.34 9.70
CA PHE A 233 -2.34 -27.25 8.75
C PHE A 233 -3.27 -27.64 7.61
N VAL A 234 -3.21 -28.89 7.16
CA VAL A 234 -4.21 -29.40 6.23
C VAL A 234 -5.58 -29.41 6.90
N CYS A 235 -5.63 -29.73 8.18
CA CYS A 235 -6.90 -29.86 8.89
C CYS A 235 -7.54 -28.50 9.13
N GLU A 236 -6.73 -27.48 9.41
CA GLU A 236 -7.27 -26.17 9.75
C GLU A 236 -7.80 -25.40 8.55
N VAL A 237 -7.35 -25.71 7.35
CA VAL A 237 -7.84 -25.01 6.16
C VAL A 237 -9.06 -25.73 5.59
N PRO A 249 -9.80 -39.31 1.15
CA PRO A 249 -9.09 -38.72 0.02
C PRO A 249 -9.62 -37.34 -0.36
N LEU A 250 -8.72 -36.41 -0.63
CA LEU A 250 -9.11 -35.04 -0.95
C LEU A 250 -9.74 -34.97 -2.34
N THR A 251 -10.82 -34.22 -2.44
CA THR A 251 -11.37 -33.90 -3.76
C THR A 251 -10.46 -32.88 -4.46
N ASP A 252 -10.65 -32.74 -5.77
CA ASP A 252 -9.86 -31.77 -6.51
C ASP A 252 -10.13 -30.35 -6.04
N SER A 253 -11.36 -30.07 -5.60
CA SER A 253 -11.65 -28.77 -4.99
C SER A 253 -11.10 -28.70 -3.57
N GLN A 254 -11.17 -29.81 -2.83
CA GLN A 254 -10.60 -29.85 -1.49
C GLN A 254 -9.09 -29.73 -1.52
N ARG A 255 -8.44 -30.24 -2.58
CA ARG A 255 -6.99 -30.24 -2.65
C ARG A 255 -6.43 -28.93 -3.18
N VAL A 256 -7.09 -28.33 -4.18
CA VAL A 256 -6.51 -27.18 -4.87
C VAL A 256 -6.42 -25.97 -3.95
N LYS A 257 -7.28 -25.88 -2.94
CA LYS A 257 -7.18 -24.77 -2.00
C LYS A 257 -5.93 -24.90 -1.15
N PHE A 258 -5.60 -26.12 -0.72
CA PHE A 258 -4.44 -26.32 0.14
C PHE A 258 -3.15 -25.94 -0.58
N THR A 259 -3.06 -26.23 -1.88
CA THR A 259 -1.85 -25.87 -2.63
C THR A 259 -1.66 -24.36 -2.64
N LYS A 260 -2.75 -23.60 -2.71
CA LYS A 260 -2.65 -22.14 -2.68
C LYS A 260 -2.17 -21.63 -1.33
N GLU A 261 -2.47 -22.36 -0.25
CA GLU A 261 -2.11 -21.90 1.09
C GLU A 261 -0.65 -22.19 1.43
N ILE A 262 -0.11 -23.31 0.94
CA ILE A 262 1.19 -23.81 1.41
C ILE A 262 2.29 -23.67 0.37
N LYS A 263 1.96 -23.33 -0.88
CA LYS A 263 2.99 -23.18 -1.90
C LYS A 263 3.94 -22.05 -1.54
N GLY A 264 5.24 -22.32 -1.65
CA GLY A 264 6.25 -21.34 -1.33
C GLY A 264 6.61 -21.25 0.14
N LEU A 265 5.95 -22.03 1.01
CA LEU A 265 6.25 -22.03 2.42
C LEU A 265 7.32 -23.08 2.75
N LYS A 266 7.88 -22.97 3.95
CA LYS A 266 8.95 -23.84 4.39
C LYS A 266 8.44 -24.81 5.46
N VAL A 267 8.92 -26.06 5.38
CA VAL A 267 8.50 -27.11 6.30
C VAL A 267 9.72 -27.89 6.79
N GLU A 268 9.54 -28.56 7.91
CA GLU A 268 10.58 -29.40 8.53
C GLU A 268 10.08 -30.84 8.61
N ILE A 269 10.98 -31.73 9.03
CA ILE A 269 10.72 -33.17 9.07
C ILE A 269 10.78 -33.64 10.51
N THR A 270 9.83 -34.49 10.89
CA THR A 270 9.84 -35.14 12.20
C THR A 270 10.42 -36.56 12.09
N ARG A 277 15.38 -30.96 8.20
CA ARG A 277 15.97 -30.07 7.21
C ARG A 277 15.02 -28.92 6.89
N LYS A 278 15.46 -28.01 6.02
CA LYS A 278 14.67 -26.84 5.64
C LYS A 278 14.32 -26.97 4.16
N TYR A 279 13.04 -27.21 3.87
CA TYR A 279 12.54 -27.35 2.51
C TYR A 279 11.46 -26.31 2.26
N ARG A 280 11.53 -25.65 1.10
CA ARG A 280 10.49 -24.73 0.67
C ARG A 280 9.57 -25.46 -0.31
N VAL A 281 8.27 -25.46 -0.01
CA VAL A 281 7.31 -26.21 -0.81
C VAL A 281 7.16 -25.58 -2.19
N CYS A 282 7.02 -26.41 -3.21
CA CYS A 282 6.79 -25.97 -4.57
C CYS A 282 5.42 -26.37 -5.11
N ASN A 283 4.95 -27.57 -4.79
CA ASN A 283 3.68 -28.05 -5.30
C ASN A 283 3.15 -29.14 -4.37
N VAL A 284 1.84 -29.36 -4.44
CA VAL A 284 1.18 -30.43 -3.72
C VAL A 284 0.71 -31.46 -4.74
N THR A 285 1.17 -32.70 -4.59
CA THR A 285 0.95 -33.72 -5.61
C THR A 285 -0.54 -34.02 -5.77
N ARG A 286 -0.89 -34.49 -6.96
CA ARG A 286 -2.24 -34.97 -7.21
C ARG A 286 -2.46 -36.36 -6.62
N ARG A 287 -1.43 -37.19 -6.61
CA ARG A 287 -1.46 -38.57 -6.16
C ARG A 287 -1.15 -38.67 -4.67
N PRO A 288 -1.75 -39.65 -3.98
CA PRO A 288 -1.44 -39.85 -2.56
C PRO A 288 -0.08 -40.50 -2.34
N ALA A 289 0.28 -40.81 -1.09
CA ALA A 289 1.58 -41.41 -0.84
C ALA A 289 1.63 -42.84 -1.35
N SER A 290 0.52 -43.56 -1.27
CA SER A 290 0.49 -44.96 -1.68
C SER A 290 0.62 -45.15 -3.18
N HIS A 291 0.51 -44.07 -3.97
CA HIS A 291 0.56 -44.17 -5.42
C HIS A 291 1.64 -43.32 -6.08
N GLN A 292 2.03 -42.20 -5.46
CA GLN A 292 3.02 -41.33 -6.07
C GLN A 292 4.39 -42.00 -6.07
N THR A 293 5.08 -41.93 -7.21
CA THR A 293 6.34 -42.60 -7.41
C THR A 293 7.47 -41.59 -7.63
N PHE A 294 8.70 -42.07 -7.51
CA PHE A 294 9.89 -41.29 -7.78
C PHE A 294 10.99 -42.22 -8.25
N PRO A 295 11.86 -41.77 -9.18
CA PRO A 295 12.92 -42.64 -9.68
C PRO A 295 13.94 -43.01 -8.59
N LEU A 296 13.81 -44.20 -8.04
CA LEU A 296 14.73 -44.70 -7.02
C LEU A 296 15.74 -45.64 -7.66
N GLN A 297 17.02 -45.36 -7.43
CA GLN A 297 18.07 -46.24 -7.92
C GLN A 297 18.37 -47.32 -6.90
N GLN A 298 18.83 -48.47 -7.39
CA GLN A 298 19.10 -49.64 -6.57
C GLN A 298 20.60 -49.90 -6.53
N GLU A 299 21.00 -50.82 -5.65
CA GLU A 299 22.41 -51.19 -5.55
C GLU A 299 22.93 -51.79 -6.86
N SER A 300 22.03 -52.35 -7.66
CA SER A 300 22.43 -52.85 -8.97
C SER A 300 22.81 -51.70 -9.91
N GLY A 301 22.05 -50.62 -9.87
CA GLY A 301 22.31 -49.47 -10.73
C GLY A 301 21.11 -49.03 -11.53
N GLN A 302 20.20 -49.96 -11.83
CA GLN A 302 19.00 -49.63 -12.58
C GLN A 302 18.04 -48.84 -11.71
N THR A 303 17.25 -47.98 -12.35
CA THR A 303 16.38 -47.02 -11.66
C THR A 303 14.94 -47.53 -11.73
N VAL A 304 14.46 -48.08 -10.63
CA VAL A 304 13.09 -48.58 -10.53
C VAL A 304 12.20 -47.46 -10.01
N GLU A 305 10.89 -47.62 -10.17
CA GLU A 305 9.92 -46.67 -9.62
C GLU A 305 9.47 -47.16 -8.24
N CYS A 306 9.43 -46.25 -7.28
CA CYS A 306 9.11 -46.57 -5.90
C CYS A 306 8.05 -45.62 -5.38
N THR A 307 6.99 -46.17 -4.80
CA THR A 307 5.96 -45.33 -4.20
C THR A 307 6.51 -44.64 -2.96
N VAL A 308 6.10 -43.37 -2.78
CA VAL A 308 6.61 -42.58 -1.66
C VAL A 308 6.22 -43.21 -0.33
N ALA A 309 5.07 -43.89 -0.28
CA ALA A 309 4.68 -44.56 0.96
C ALA A 309 5.62 -45.71 1.30
N GLN A 310 6.06 -46.46 0.28
CA GLN A 310 6.91 -47.61 0.52
C GLN A 310 8.35 -47.21 0.81
N TYR A 311 8.80 -46.06 0.31
CA TYR A 311 10.16 -45.62 0.58
C TYR A 311 10.37 -45.34 2.07
N PHE A 312 9.40 -44.68 2.71
CA PHE A 312 9.46 -44.50 4.15
C PHE A 312 9.26 -45.82 4.89
N LYS A 313 8.67 -46.81 4.24
CA LYS A 313 8.48 -48.14 4.82
C LYS A 313 9.77 -48.96 4.84
N ASP A 314 10.81 -48.52 4.13
CA ASP A 314 12.06 -49.26 4.03
C ASP A 314 13.22 -48.54 4.72
N ARG A 315 13.52 -47.32 4.32
CA ARG A 315 14.70 -46.64 4.85
C ARG A 315 14.44 -46.07 6.25
N HIS A 316 13.24 -45.56 6.50
CA HIS A 316 12.92 -44.90 7.75
C HIS A 316 12.07 -45.75 8.68
N LYS A 317 11.73 -46.99 8.29
CA LYS A 317 10.97 -47.93 9.12
C LYS A 317 9.61 -47.38 9.54
N LEU A 318 9.11 -46.37 8.84
CA LEU A 318 7.86 -45.71 9.19
C LEU A 318 6.77 -46.13 8.21
N VAL A 319 5.65 -46.61 8.75
CA VAL A 319 4.47 -46.94 7.96
C VAL A 319 3.45 -45.82 8.18
N LEU A 320 2.96 -45.25 7.08
CA LEU A 320 2.12 -44.06 7.15
C LEU A 320 0.71 -44.39 7.60
N ARG A 321 0.16 -43.52 8.45
CA ARG A 321 -1.22 -43.66 8.91
C ARG A 321 -2.22 -43.00 7.99
N TYR A 322 -1.82 -41.94 7.27
CA TYR A 322 -2.66 -41.24 6.31
C TYR A 322 -2.06 -41.39 4.91
N PRO A 323 -2.16 -42.58 4.31
CA PRO A 323 -1.65 -42.72 2.94
C PRO A 323 -2.54 -42.11 1.88
N HIS A 324 -3.80 -41.80 2.22
CA HIS A 324 -4.72 -41.24 1.24
C HIS A 324 -4.49 -39.76 0.99
N LEU A 325 -3.85 -39.05 1.93
CA LEU A 325 -3.54 -37.65 1.72
C LEU A 325 -2.38 -37.52 0.74
N PRO A 326 -2.31 -36.41 -0.01
CA PRO A 326 -1.22 -36.23 -0.98
C PRO A 326 0.14 -36.04 -0.32
N CYS A 327 1.13 -35.62 -1.12
CA CYS A 327 2.49 -35.43 -0.63
C CYS A 327 2.96 -34.03 -0.97
N LEU A 328 3.66 -33.40 -0.03
CA LEU A 328 4.32 -32.13 -0.28
C LEU A 328 5.56 -32.36 -1.15
N GLN A 329 5.60 -31.71 -2.31
CA GLN A 329 6.77 -31.74 -3.16
C GLN A 329 7.69 -30.58 -2.78
N VAL A 330 8.95 -30.91 -2.47
CA VAL A 330 9.91 -29.92 -2.01
C VAL A 330 11.06 -29.85 -3.01
N GLY A 331 11.78 -28.73 -2.96
CA GLY A 331 12.86 -28.48 -3.89
C GLY A 331 12.36 -28.02 -5.25
N LYS A 335 10.94 -30.54 -8.45
CA LYS A 335 12.14 -31.26 -8.84
C LYS A 335 11.92 -32.77 -8.84
N HIS A 336 12.26 -33.41 -7.72
CA HIS A 336 12.22 -34.86 -7.65
C HIS A 336 12.21 -35.38 -6.21
N THR A 337 11.70 -34.58 -5.28
CA THR A 337 11.60 -34.97 -3.88
C THR A 337 10.15 -34.88 -3.42
N TYR A 338 9.73 -35.87 -2.64
CA TYR A 338 8.34 -36.00 -2.22
C TYR A 338 8.29 -36.30 -0.73
N LEU A 339 7.50 -35.52 0.01
CA LEU A 339 7.37 -35.67 1.45
C LEU A 339 5.89 -35.82 1.81
N PRO A 340 5.51 -36.86 2.53
CA PRO A 340 4.13 -36.98 3.00
C PRO A 340 3.80 -35.88 4.01
N LEU A 341 2.50 -35.77 4.31
CA LEU A 341 2.04 -34.71 5.19
C LEU A 341 2.18 -35.05 6.67
N GLU A 342 2.35 -36.33 7.00
CA GLU A 342 2.39 -36.74 8.40
C GLU A 342 3.67 -36.25 9.10
N VAL A 343 4.77 -36.12 8.37
CA VAL A 343 6.07 -35.87 8.96
C VAL A 343 6.54 -34.44 8.74
N CYS A 344 5.65 -33.55 8.31
CA CYS A 344 6.03 -32.18 7.96
C CYS A 344 5.37 -31.18 8.91
N ASN A 345 6.18 -30.27 9.45
CA ASN A 345 5.72 -29.14 10.24
C ASN A 345 6.13 -27.85 9.53
N ILE A 346 5.23 -26.87 9.51
CA ILE A 346 5.52 -25.60 8.87
C ILE A 346 6.60 -24.87 9.68
N VAL A 347 7.59 -24.33 8.98
CA VAL A 347 8.67 -23.60 9.64
C VAL A 347 8.10 -22.34 10.30
N ALA A 348 8.45 -22.14 11.56
CA ALA A 348 8.00 -20.97 12.30
C ALA A 348 8.87 -19.76 11.96
N GLY A 349 8.23 -18.60 11.90
CA GLY A 349 8.95 -17.35 11.72
C GLY A 349 8.87 -16.75 10.33
N GLN A 350 7.86 -17.11 9.54
CA GLN A 350 7.69 -16.54 8.20
C GLN A 350 6.45 -15.68 8.15
N ARG A 351 6.59 -14.48 7.59
CA ARG A 351 5.46 -13.57 7.45
C ARG A 351 4.43 -14.17 6.49
N CYS A 352 3.15 -13.97 6.82
CA CYS A 352 2.09 -14.43 5.94
C CYS A 352 2.06 -13.58 4.66
N ILE A 353 1.88 -14.25 3.52
CA ILE A 353 1.95 -13.56 2.23
C ILE A 353 0.79 -12.59 2.09
N LYS A 354 -0.42 -13.02 2.40
CA LYS A 354 -1.60 -12.18 2.26
C LYS A 354 -1.64 -11.09 3.34
N SER A 362 -11.58 -10.01 11.32
CA SER A 362 -12.38 -9.72 12.51
C SER A 362 -11.54 -9.83 13.77
N THR A 363 -11.03 -11.05 14.03
CA THR A 363 -10.15 -11.25 15.18
C THR A 363 -8.81 -10.56 14.98
N ALA A 364 -8.40 -10.37 13.72
CA ALA A 364 -7.18 -9.61 13.46
C ALA A 364 -7.41 -8.11 13.61
N ALA A 365 -8.65 -7.66 13.42
CA ALA A 365 -8.95 -6.23 13.55
C ALA A 365 -9.04 -5.80 15.00
N ARG A 366 -9.41 -6.71 15.90
CA ARG A 366 -9.51 -6.36 17.32
C ARG A 366 -8.14 -6.27 17.98
N ALA A 367 -7.19 -7.10 17.54
CA ALA A 367 -5.83 -7.00 18.08
C ALA A 367 -5.12 -5.78 17.54
N THR A 368 -5.32 -5.48 16.26
CA THR A 368 -4.81 -4.23 15.70
C THR A 368 -5.67 -3.07 16.18
N ALA A 369 -5.32 -1.88 15.71
CA ALA A 369 -6.00 -0.64 16.07
C ALA A 369 -5.94 -0.36 17.57
N ARG A 370 -6.40 0.82 17.96
CA ARG A 370 -6.45 1.37 19.32
C ARG A 370 -6.46 2.88 19.21
N SER A 371 -6.82 3.56 20.29
CA SER A 371 -6.85 5.02 20.26
C SER A 371 -5.45 5.56 20.00
N ALA A 372 -5.40 6.79 19.45
CA ALA A 372 -4.11 7.44 19.26
C ALA A 372 -3.36 7.67 20.57
N PRO A 373 -3.99 8.11 21.66
CA PRO A 373 -3.27 8.10 22.94
C PRO A 373 -2.92 6.71 23.41
N ASP A 374 -3.67 5.69 22.99
CA ASP A 374 -3.31 4.31 23.35
C ASP A 374 -2.02 3.88 22.65
N ARG A 375 -1.92 4.15 21.34
CA ARG A 375 -0.70 3.84 20.62
C ARG A 375 0.48 4.67 21.14
N GLN A 376 0.23 5.94 21.43
CA GLN A 376 1.29 6.81 21.96
C GLN A 376 1.86 6.25 23.25
N GLU A 377 1.04 5.53 24.03
CA GLU A 377 1.53 4.91 25.26
C GLU A 377 2.37 3.68 24.97
N GLU A 378 1.98 2.87 23.98
CA GLU A 378 2.73 1.66 23.67
C GLU A 378 4.11 1.98 23.14
N ILE A 379 4.22 2.98 22.27
CA ILE A 379 5.53 3.38 21.74
C ILE A 379 6.44 3.81 22.87
N SER A 380 5.90 4.57 23.83
CA SER A 380 6.70 4.99 24.97
C SER A 380 7.00 3.83 25.90
N LYS A 381 6.02 2.96 26.14
CA LYS A 381 6.28 1.71 26.84
C LYS A 381 7.42 0.95 26.20
N LEU A 382 7.37 0.82 24.87
CA LEU A 382 8.40 0.10 24.14
C LEU A 382 9.74 0.84 24.22
N MET A 383 9.71 2.18 24.19
CA MET A 383 10.94 2.94 24.36
C MET A 383 11.54 2.72 25.74
N ARG A 384 10.70 2.46 26.74
CA ARG A 384 11.22 2.06 28.05
C ARG A 384 11.77 0.64 28.01
N SER A 385 11.10 -0.25 27.28
CA SER A 385 11.50 -1.65 27.24
C SER A 385 12.87 -1.82 26.59
N ALA A 386 13.07 -1.18 25.44
CA ALA A 386 14.35 -1.33 24.74
C ALA A 386 15.48 -0.66 25.51
N ASP A 387 15.24 0.57 25.98
CA ASP A 387 16.24 1.37 26.69
C ASP A 387 17.51 1.48 25.85
N PHE A 388 17.36 2.14 24.70
CA PHE A 388 18.45 2.22 23.72
C PHE A 388 19.70 2.86 24.30
N ASN A 389 19.54 3.79 25.24
CA ASN A 389 20.68 4.46 25.85
C ASN A 389 21.55 3.53 26.70
N THR A 390 21.08 2.31 26.96
CA THR A 390 21.86 1.31 27.68
C THR A 390 22.03 0.06 26.83
N ASP A 391 22.18 0.25 25.52
CA ASP A 391 22.42 -0.85 24.59
C ASP A 391 23.92 -0.98 24.37
N PRO A 392 24.54 -2.10 24.73
CA PRO A 392 26.01 -2.19 24.70
C PRO A 392 26.65 -1.79 23.38
N TYR A 393 25.98 -2.02 22.25
CA TYR A 393 26.54 -1.62 20.97
C TYR A 393 26.25 -0.15 20.67
N VAL A 394 25.13 0.38 21.17
CA VAL A 394 24.90 1.81 21.07
C VAL A 394 25.83 2.57 22.02
N ARG A 395 26.14 1.97 23.17
CA ARG A 395 27.13 2.56 24.07
C ARG A 395 28.50 2.65 23.41
N GLU A 396 28.86 1.64 22.62
CA GLU A 396 30.19 1.58 22.02
C GLU A 396 30.43 2.76 21.08
N PHE A 397 29.42 3.14 20.31
CA PHE A 397 29.55 4.27 19.41
C PHE A 397 29.25 5.61 20.07
N GLY A 398 28.53 5.62 21.19
CA GLY A 398 28.23 6.84 21.90
C GLY A 398 26.92 7.50 21.54
N ILE A 399 26.09 6.85 20.73
CA ILE A 399 24.79 7.41 20.37
C ILE A 399 23.88 7.41 21.58
N MET A 400 23.08 8.46 21.73
CA MET A 400 22.13 8.58 22.83
C MET A 400 20.78 8.95 22.25
N VAL A 401 19.77 8.12 22.53
CA VAL A 401 18.42 8.30 21.99
C VAL A 401 17.52 8.79 23.12
N LYS A 402 16.89 9.95 22.92
CA LYS A 402 16.06 10.53 23.97
C LYS A 402 14.87 9.63 24.29
N ASP A 403 14.56 9.55 25.58
CA ASP A 403 13.44 8.74 26.06
C ASP A 403 12.09 9.41 25.83
N GLU A 404 12.08 10.64 25.30
CA GLU A 404 10.87 11.42 25.11
C GLU A 404 10.58 11.60 23.63
N MET A 405 9.29 11.66 23.29
CA MET A 405 8.90 11.93 21.92
C MET A 405 9.25 13.36 21.53
N THR A 406 9.43 13.58 20.24
CA THR A 406 9.76 14.90 19.72
C THR A 406 8.51 15.76 19.63
N ASP A 407 8.57 16.96 20.19
CA ASP A 407 7.46 17.90 20.12
C ASP A 407 7.50 18.62 18.77
N VAL A 408 6.42 18.53 18.01
CA VAL A 408 6.28 19.22 16.74
C VAL A 408 5.02 20.06 16.79
N THR A 409 5.08 21.26 16.19
CA THR A 409 3.96 22.19 16.16
C THR A 409 3.42 22.22 14.73
N GLY A 410 2.30 21.51 14.52
CA GLY A 410 1.70 21.44 13.22
C GLY A 410 0.80 22.62 12.92
N ARG A 411 0.17 22.56 11.75
CA ARG A 411 -0.76 23.61 11.31
C ARG A 411 -2.02 22.95 10.76
N VAL A 412 -3.17 23.43 11.19
CA VAL A 412 -4.47 22.94 10.71
C VAL A 412 -5.01 23.92 9.68
N LEU A 413 -5.11 23.46 8.43
CA LEU A 413 -5.58 24.32 7.35
C LEU A 413 -7.09 24.38 7.33
N GLN A 414 -7.61 25.48 6.77
CA GLN A 414 -9.04 25.63 6.61
C GLN A 414 -9.53 24.74 5.47
N PRO A 415 -10.61 23.99 5.66
CA PRO A 415 -11.19 23.22 4.56
C PRO A 415 -11.91 24.13 3.59
N PRO A 416 -11.74 23.93 2.28
CA PRO A 416 -12.43 24.78 1.32
C PRO A 416 -13.93 24.57 1.39
N SER A 417 -14.67 25.67 1.25
CA SER A 417 -16.12 25.58 1.13
C SER A 417 -16.47 24.80 -0.13
N ILE A 418 -17.61 24.11 -0.08
CA ILE A 418 -18.03 23.21 -1.15
C ILE A 418 -19.39 23.66 -1.65
N LEU A 419 -19.46 24.02 -2.94
CA LEU A 419 -20.71 24.45 -3.55
C LEU A 419 -21.52 23.25 -4.02
N TYR A 420 -22.71 23.10 -3.48
CA TYR A 420 -23.64 22.08 -3.93
C TYR A 420 -24.58 22.66 -4.98
N GLY A 421 -25.52 21.85 -5.44
CA GLY A 421 -26.37 22.29 -6.53
C GLY A 421 -27.84 22.44 -6.21
N GLY A 422 -28.65 22.33 -7.26
CA GLY A 422 -30.04 22.75 -7.19
C GLY A 422 -30.14 24.25 -7.11
N ARG A 423 -31.37 24.75 -7.27
CA ARG A 423 -31.61 26.19 -7.16
C ARG A 423 -31.24 26.71 -5.77
N ASN A 424 -31.35 25.86 -4.74
CA ASN A 424 -30.97 26.24 -3.39
C ASN A 424 -29.47 26.14 -3.15
N LYS A 425 -28.67 25.81 -4.18
CA LYS A 425 -27.22 25.66 -4.11
C LYS A 425 -26.73 25.07 -2.79
N ALA A 426 -26.21 25.94 -1.91
CA ALA A 426 -25.69 25.71 -0.56
C ALA A 426 -24.17 25.68 -0.54
N ILE A 427 -23.58 25.89 0.64
CA ILE A 427 -22.14 25.92 0.84
C ILE A 427 -21.84 25.01 2.03
N ALA A 428 -21.33 23.81 1.75
CA ALA A 428 -20.97 22.87 2.80
C ALA A 428 -19.60 23.24 3.36
N THR A 429 -19.54 23.46 4.66
CA THR A 429 -18.28 23.75 5.33
C THR A 429 -17.86 22.53 6.14
N PRO A 430 -16.83 21.79 5.71
CA PRO A 430 -16.47 20.55 6.42
C PRO A 430 -15.93 20.84 7.82
N VAL A 431 -16.49 20.14 8.81
CA VAL A 431 -16.01 20.18 10.18
C VAL A 431 -15.48 18.80 10.53
N GLN A 432 -14.23 18.74 10.99
CA GLN A 432 -13.55 17.47 11.25
C GLN A 432 -13.61 16.55 10.03
N GLY A 433 -13.42 17.14 8.85
CA GLY A 433 -13.36 16.39 7.61
C GLY A 433 -14.66 15.75 7.17
N VAL A 434 -15.80 16.21 7.70
CA VAL A 434 -17.09 15.63 7.37
C VAL A 434 -18.10 16.75 7.09
N TRP A 435 -18.96 16.54 6.10
CA TRP A 435 -20.18 17.31 5.93
C TRP A 435 -21.28 16.33 5.54
N ASP A 436 -22.44 16.85 5.13
CA ASP A 436 -23.57 15.99 4.87
C ASP A 436 -24.35 16.49 3.65
N MET A 437 -25.13 15.57 3.07
CA MET A 437 -26.07 15.88 2.00
C MET A 437 -27.29 16.64 2.47
N ARG A 438 -27.38 16.93 3.77
CA ARG A 438 -28.58 17.52 4.35
C ARG A 438 -28.89 18.87 3.70
N ASN A 439 -30.18 19.07 3.39
CA ASN A 439 -30.71 20.25 2.71
C ASN A 439 -29.81 20.74 1.57
N LYS A 440 -29.28 19.78 0.79
CA LYS A 440 -28.45 20.09 -0.36
C LYS A 440 -28.79 19.14 -1.49
N GLN A 441 -28.27 19.43 -2.67
CA GLN A 441 -28.43 18.54 -3.81
C GLN A 441 -27.32 18.82 -4.83
N PHE A 442 -27.31 18.03 -5.89
CA PHE A 442 -26.13 17.88 -6.73
C PHE A 442 -25.91 19.09 -7.63
N HIS A 443 -24.62 19.44 -7.82
CA HIS A 443 -24.26 20.58 -8.65
C HIS A 443 -24.74 20.41 -10.08
N THR A 444 -24.69 19.18 -10.60
CA THR A 444 -25.20 18.85 -11.93
C THR A 444 -25.91 17.51 -11.82
N GLY A 445 -27.14 17.56 -11.35
CA GLY A 445 -27.93 16.34 -11.22
C GLY A 445 -28.25 15.74 -12.58
N ILE A 446 -28.35 14.42 -12.60
CA ILE A 446 -28.63 13.66 -13.82
C ILE A 446 -29.95 12.95 -13.61
N GLU A 447 -31.02 13.54 -14.15
CA GLU A 447 -32.34 12.92 -14.10
C GLU A 447 -32.35 11.67 -14.96
N ILE A 448 -32.55 10.51 -14.34
CA ILE A 448 -32.57 9.24 -15.04
C ILE A 448 -33.98 8.99 -15.55
N LYS A 449 -34.13 8.93 -16.88
CA LYS A 449 -35.44 8.68 -17.46
C LYS A 449 -35.80 7.20 -17.46
N VAL A 450 -34.80 6.31 -17.56
CA VAL A 450 -35.07 4.88 -17.63
C VAL A 450 -33.83 4.14 -17.15
N TRP A 451 -34.05 3.00 -16.49
CA TRP A 451 -32.98 2.12 -16.05
C TRP A 451 -33.58 0.74 -15.82
N ALA A 452 -32.71 -0.23 -15.54
CA ALA A 452 -33.10 -1.63 -15.45
C ALA A 452 -32.49 -2.26 -14.21
N ILE A 453 -33.33 -2.61 -13.24
CA ILE A 453 -32.88 -3.31 -12.04
C ILE A 453 -32.84 -4.81 -12.33
N ALA A 454 -31.77 -5.46 -11.88
CA ALA A 454 -31.57 -6.90 -12.10
C ALA A 454 -31.01 -7.51 -10.82
N CYS A 455 -31.92 -7.99 -9.96
CA CYS A 455 -31.50 -8.65 -8.72
C CYS A 455 -31.02 -10.06 -9.01
N PHE A 456 -29.94 -10.46 -8.34
CA PHE A 456 -29.35 -11.78 -8.52
C PHE A 456 -29.56 -12.69 -7.32
N ALA A 457 -30.44 -12.32 -6.39
CA ALA A 457 -30.87 -13.16 -5.29
C ALA A 457 -32.32 -13.61 -5.55
N PRO A 458 -32.67 -14.84 -5.20
CA PRO A 458 -33.99 -15.36 -5.60
C PRO A 458 -35.13 -14.67 -4.86
N GLN A 459 -36.29 -14.64 -5.50
CA GLN A 459 -37.52 -14.25 -4.82
C GLN A 459 -37.89 -15.25 -3.73
N ARG A 460 -37.19 -16.39 -3.66
CA ARG A 460 -37.31 -17.26 -2.50
C ARG A 460 -36.67 -16.63 -1.27
N GLN A 461 -35.63 -15.81 -1.47
CA GLN A 461 -34.98 -15.08 -0.40
C GLN A 461 -35.14 -13.57 -0.52
N CYS A 462 -35.70 -13.07 -1.61
CA CYS A 462 -36.06 -11.67 -1.78
C CYS A 462 -37.55 -11.59 -2.10
N THR A 463 -38.04 -10.40 -2.42
CA THR A 463 -39.42 -10.24 -2.82
C THR A 463 -39.56 -8.91 -3.55
N GLU A 464 -40.59 -8.82 -4.39
CA GLU A 464 -40.90 -7.57 -5.06
C GLU A 464 -41.13 -6.44 -4.07
N VAL A 465 -41.70 -6.74 -2.90
CA VAL A 465 -42.03 -5.71 -1.92
C VAL A 465 -40.76 -5.02 -1.41
N HIS A 466 -39.65 -5.76 -1.30
CA HIS A 466 -38.37 -5.13 -1.03
C HIS A 466 -38.05 -4.09 -2.11
N LEU A 467 -37.97 -4.54 -3.36
CA LEU A 467 -37.63 -3.64 -4.46
C LEU A 467 -38.75 -2.64 -4.73
N LYS A 468 -39.99 -2.99 -4.40
CA LYS A 468 -41.06 -2.01 -4.44
C LYS A 468 -40.80 -0.87 -3.45
N SER A 469 -40.25 -1.21 -2.29
CA SER A 469 -39.91 -0.22 -1.29
C SER A 469 -38.48 0.29 -1.43
N PHE A 470 -37.55 -0.60 -1.82
CA PHE A 470 -36.17 -0.17 -2.07
C PHE A 470 -36.12 0.96 -3.09
N THR A 471 -36.84 0.79 -4.22
CA THR A 471 -36.92 1.85 -5.20
C THR A 471 -37.78 3.01 -4.70
N GLU A 472 -38.82 2.70 -3.91
CA GLU A 472 -39.64 3.75 -3.33
C GLU A 472 -38.80 4.73 -2.53
N GLN A 473 -37.95 4.22 -1.64
CA GLN A 473 -37.08 5.10 -0.86
C GLN A 473 -35.97 5.68 -1.74
N LEU A 474 -35.41 4.87 -2.65
CA LEU A 474 -34.33 5.35 -3.50
C LEU A 474 -34.80 6.49 -4.39
N ARG A 475 -35.99 6.36 -4.97
CA ARG A 475 -36.55 7.46 -5.76
C ARG A 475 -36.78 8.69 -4.91
N LYS A 476 -37.19 8.49 -3.65
CA LYS A 476 -37.49 9.61 -2.77
C LYS A 476 -36.24 10.42 -2.43
N ILE A 477 -35.11 9.74 -2.23
CA ILE A 477 -33.89 10.44 -1.82
C ILE A 477 -33.22 11.11 -3.00
N SER A 478 -33.18 10.45 -4.16
CA SER A 478 -32.65 11.11 -5.36
C SER A 478 -33.47 12.34 -5.73
N ARG A 479 -34.76 12.34 -5.41
CA ARG A 479 -35.56 13.55 -5.53
C ARG A 479 -34.96 14.67 -4.67
N ASP A 480 -34.52 14.33 -3.47
CA ASP A 480 -33.84 15.28 -2.60
C ASP A 480 -32.38 15.46 -2.96
N ALA A 481 -31.76 14.45 -3.59
CA ALA A 481 -30.33 14.48 -3.90
C ALA A 481 -29.99 15.35 -5.10
N GLY A 482 -30.99 15.77 -5.89
CA GLY A 482 -30.75 16.65 -7.02
C GLY A 482 -30.64 15.95 -8.36
N MET A 483 -30.52 14.63 -8.37
CA MET A 483 -30.61 13.86 -9.61
C MET A 483 -31.96 13.16 -9.62
N PRO A 484 -33.06 13.87 -9.89
CA PRO A 484 -34.39 13.31 -9.64
C PRO A 484 -34.65 12.05 -10.45
N ILE A 485 -34.89 10.95 -9.75
CA ILE A 485 -35.26 9.70 -10.40
C ILE A 485 -36.75 9.78 -10.73
N GLN A 486 -37.07 10.37 -11.88
CA GLN A 486 -38.46 10.61 -12.26
C GLN A 486 -39.08 9.43 -12.98
N GLY A 487 -38.30 8.75 -13.81
CA GLY A 487 -38.77 7.53 -14.44
C GLY A 487 -38.93 6.43 -13.42
N GLN A 488 -39.25 5.26 -13.94
CA GLN A 488 -39.44 4.06 -13.16
C GLN A 488 -38.75 2.91 -13.89
N PRO A 489 -38.33 1.88 -13.16
CA PRO A 489 -37.56 0.79 -13.79
C PRO A 489 -38.32 0.17 -14.95
N CYS A 490 -37.72 0.26 -16.14
CA CYS A 490 -38.32 -0.29 -17.35
C CYS A 490 -38.80 -1.72 -17.11
N PHE A 491 -37.96 -2.55 -16.53
CA PHE A 491 -38.35 -3.85 -16.02
C PHE A 491 -37.67 -4.07 -14.67
N CYS A 492 -38.09 -5.12 -13.98
CA CYS A 492 -37.50 -5.50 -12.69
C CYS A 492 -37.45 -7.02 -12.67
N LYS A 493 -36.24 -7.57 -12.74
CA LYS A 493 -36.05 -9.00 -12.99
C LYS A 493 -35.47 -9.71 -11.78
N TYR A 494 -35.53 -11.04 -11.86
CA TYR A 494 -34.76 -11.95 -11.01
C TYR A 494 -33.96 -12.86 -11.93
N ALA A 495 -32.65 -12.86 -11.78
CA ALA A 495 -31.78 -13.68 -12.63
C ALA A 495 -30.64 -14.23 -11.80
N GLN A 496 -30.30 -15.49 -12.04
CA GLN A 496 -29.24 -16.17 -11.30
C GLN A 496 -28.28 -16.83 -12.27
N GLY A 497 -27.05 -17.02 -11.81
CA GLY A 497 -26.02 -17.61 -12.64
C GLY A 497 -25.14 -16.56 -13.28
N ALA A 498 -23.82 -16.62 -13.02
CA ALA A 498 -22.93 -15.60 -13.56
C ALA A 498 -22.84 -15.67 -15.08
N ASP A 499 -23.11 -16.84 -15.66
CA ASP A 499 -23.02 -16.98 -17.11
C ASP A 499 -24.18 -16.29 -17.81
N SER A 500 -25.40 -16.48 -17.29
CA SER A 500 -26.59 -15.91 -17.92
C SER A 500 -26.67 -14.39 -17.82
N VAL A 501 -25.74 -13.76 -17.09
CA VAL A 501 -25.73 -12.30 -16.99
C VAL A 501 -25.47 -11.68 -18.35
N GLU A 502 -24.44 -12.18 -19.05
CA GLU A 502 -24.07 -11.59 -20.33
C GLU A 502 -25.18 -11.67 -21.37
N PRO A 503 -25.85 -12.81 -21.59
CA PRO A 503 -26.97 -12.80 -22.55
C PRO A 503 -28.07 -11.82 -22.17
N MET A 504 -28.43 -11.75 -20.89
CA MET A 504 -29.37 -10.73 -20.44
C MET A 504 -28.79 -9.34 -20.65
N PHE A 505 -27.56 -9.12 -20.19
CA PHE A 505 -26.90 -7.81 -20.30
C PHE A 505 -26.92 -7.29 -21.73
N ARG A 506 -26.81 -8.19 -22.70
CA ARG A 506 -26.87 -7.78 -24.10
C ARG A 506 -28.26 -7.29 -24.48
N HIS A 507 -29.29 -7.97 -24.01
CA HIS A 507 -30.67 -7.71 -24.44
C HIS A 507 -31.26 -6.45 -23.83
N LEU A 508 -30.62 -5.88 -22.80
CA LEU A 508 -31.25 -4.77 -22.08
C LEU A 508 -31.04 -3.44 -22.80
N LYS A 509 -29.88 -3.24 -23.42
CA LYS A 509 -29.59 -1.96 -24.06
C LYS A 509 -30.38 -1.79 -25.35
N ASN A 510 -30.71 -2.89 -26.04
CA ASN A 510 -31.43 -2.77 -27.30
C ASN A 510 -32.89 -2.42 -27.09
N THR A 511 -33.48 -2.86 -25.97
CA THR A 511 -34.89 -2.62 -25.72
C THR A 511 -35.18 -1.15 -25.40
N TYR A 512 -34.19 -0.39 -24.94
CA TYR A 512 -34.42 0.97 -24.49
C TYR A 512 -33.31 1.88 -24.99
N ALA A 513 -33.67 2.85 -25.82
CA ALA A 513 -32.73 3.87 -26.26
C ALA A 513 -32.66 4.98 -25.23
N GLY A 514 -31.48 5.60 -25.13
CA GLY A 514 -31.25 6.53 -24.05
C GLY A 514 -31.13 5.88 -22.69
N LEU A 515 -31.02 4.56 -22.64
CA LEU A 515 -30.87 3.85 -21.38
C LEU A 515 -29.57 4.27 -20.69
N GLN A 516 -29.57 4.19 -19.36
CA GLN A 516 -28.45 4.71 -18.58
C GLN A 516 -27.84 3.66 -17.66
N LEU A 517 -28.51 3.38 -16.54
CA LEU A 517 -27.94 2.54 -15.49
C LEU A 517 -28.67 1.20 -15.41
N VAL A 518 -27.95 0.21 -14.88
CA VAL A 518 -28.50 -1.10 -14.57
C VAL A 518 -28.12 -1.43 -13.14
N VAL A 519 -29.11 -1.43 -12.25
CA VAL A 519 -28.85 -1.65 -10.82
C VAL A 519 -28.90 -3.16 -10.60
N VAL A 520 -27.72 -3.79 -10.67
CA VAL A 520 -27.59 -5.21 -10.42
C VAL A 520 -27.36 -5.43 -8.93
N ILE A 521 -28.05 -6.42 -8.36
CA ILE A 521 -28.02 -6.68 -6.92
C ILE A 521 -27.33 -8.02 -6.70
N LEU A 522 -26.28 -8.01 -5.89
CA LEU A 522 -25.37 -9.16 -5.76
C LEU A 522 -25.32 -9.68 -4.33
N PRO A 523 -25.79 -10.91 -4.07
CA PRO A 523 -25.73 -11.47 -2.72
C PRO A 523 -24.35 -12.05 -2.41
N GLY A 524 -23.74 -11.59 -1.33
CA GLY A 524 -22.46 -12.01 -0.77
C GLY A 524 -21.31 -12.15 -1.76
N LYS A 525 -20.37 -12.99 -1.36
CA LYS A 525 -19.18 -13.27 -2.16
C LYS A 525 -19.56 -14.04 -3.42
N THR A 526 -19.18 -13.50 -4.57
CA THR A 526 -19.53 -14.12 -5.84
C THR A 526 -18.66 -13.56 -6.95
N PRO A 527 -18.19 -14.38 -7.89
CA PRO A 527 -17.42 -13.86 -9.03
C PRO A 527 -18.28 -13.23 -10.11
N VAL A 528 -19.60 -13.12 -9.91
CA VAL A 528 -20.42 -12.47 -10.92
C VAL A 528 -20.12 -10.98 -10.99
N TYR A 529 -19.72 -10.38 -9.86
CA TYR A 529 -19.30 -8.98 -9.87
C TYR A 529 -18.13 -8.77 -10.81
N ALA A 530 -17.27 -9.78 -10.97
CA ALA A 530 -16.18 -9.69 -11.93
C ALA A 530 -16.72 -9.64 -13.36
N GLU A 531 -17.71 -10.48 -13.68
CA GLU A 531 -18.25 -10.49 -15.03
C GLU A 531 -19.21 -9.34 -15.27
N VAL A 532 -19.99 -8.96 -14.26
CA VAL A 532 -20.86 -7.79 -14.41
C VAL A 532 -20.02 -6.55 -14.68
N LYS A 533 -18.83 -6.47 -14.09
CA LYS A 533 -17.92 -5.35 -14.36
C LYS A 533 -17.17 -5.55 -15.66
N ARG A 534 -16.72 -6.78 -15.94
CA ARG A 534 -15.96 -7.05 -17.15
C ARG A 534 -16.82 -6.82 -18.39
N VAL A 535 -18.04 -7.34 -18.40
CA VAL A 535 -18.93 -7.12 -19.53
C VAL A 535 -19.52 -5.71 -19.48
N GLY A 536 -19.61 -5.12 -18.30
CA GLY A 536 -20.25 -3.83 -18.13
C GLY A 536 -19.56 -2.66 -18.80
N ASP A 537 -18.32 -2.39 -18.43
CA ASP A 537 -17.63 -1.18 -18.84
C ASP A 537 -16.74 -1.36 -20.06
N THR A 538 -16.23 -2.56 -20.30
CA THR A 538 -15.26 -2.76 -21.37
C THR A 538 -15.91 -3.01 -22.73
N VAL A 539 -17.13 -3.55 -22.75
CA VAL A 539 -17.73 -4.00 -24.00
C VAL A 539 -18.87 -3.08 -24.43
N LEU A 540 -20.06 -3.30 -23.85
CA LEU A 540 -21.25 -2.63 -24.35
C LEU A 540 -21.21 -1.12 -24.09
N GLY A 541 -20.80 -0.72 -22.88
CA GLY A 541 -20.70 0.68 -22.53
C GLY A 541 -21.77 1.19 -21.59
N MET A 542 -22.64 0.33 -21.07
CA MET A 542 -23.68 0.76 -20.15
C MET A 542 -23.12 1.02 -18.77
N ALA A 543 -23.78 1.90 -18.03
CA ALA A 543 -23.43 2.13 -16.64
C ALA A 543 -23.87 0.96 -15.77
N THR A 544 -23.18 0.76 -14.66
CA THR A 544 -23.44 -0.38 -13.79
C THR A 544 -23.24 0.04 -12.34
N GLN A 545 -24.20 -0.32 -11.49
CA GLN A 545 -24.11 -0.08 -10.05
C GLN A 545 -24.53 -1.34 -9.31
N CYS A 546 -23.67 -1.82 -8.42
CA CYS A 546 -23.92 -3.03 -7.66
C CYS A 546 -24.29 -2.71 -6.23
N VAL A 547 -24.99 -3.65 -5.60
CA VAL A 547 -25.41 -3.50 -4.20
C VAL A 547 -25.72 -4.88 -3.66
N GLN A 548 -25.27 -5.14 -2.44
CA GLN A 548 -25.51 -6.44 -1.83
C GLN A 548 -26.98 -6.63 -1.50
N MET A 549 -27.39 -7.89 -1.41
CA MET A 549 -28.72 -8.20 -0.89
C MET A 549 -28.87 -7.76 0.56
N LYS A 550 -27.75 -7.61 1.27
CA LYS A 550 -27.79 -7.12 2.64
C LYS A 550 -28.29 -5.68 2.73
N ASN A 551 -28.15 -4.91 1.64
CA ASN A 551 -28.54 -3.50 1.64
C ASN A 551 -29.85 -3.25 0.89
N VAL A 552 -30.49 -4.28 0.35
CA VAL A 552 -31.82 -4.11 -0.25
C VAL A 552 -32.93 -4.44 0.74
N GLN A 553 -32.66 -5.24 1.77
CA GLN A 553 -33.64 -5.44 2.83
C GLN A 553 -33.57 -4.33 3.87
N ARG A 554 -32.39 -3.74 4.05
CA ARG A 554 -32.18 -2.66 5.02
C ARG A 554 -31.69 -1.43 4.27
N THR A 555 -32.48 -0.36 4.31
CA THR A 555 -32.19 0.88 3.58
C THR A 555 -32.19 2.04 4.57
N THR A 556 -30.99 2.49 4.98
CA THR A 556 -30.94 3.67 5.82
C THR A 556 -30.72 4.91 4.96
N PRO A 557 -31.16 6.10 5.42
CA PRO A 557 -31.04 7.31 4.59
C PRO A 557 -29.61 7.69 4.19
N GLN A 558 -28.61 6.90 4.59
CA GLN A 558 -27.23 7.15 4.16
C GLN A 558 -26.66 6.07 3.27
N THR A 559 -27.06 4.80 3.44
CA THR A 559 -26.62 3.75 2.53
C THR A 559 -27.09 4.03 1.11
N LEU A 560 -28.30 4.58 0.96
CA LEU A 560 -28.78 4.95 -0.36
C LEU A 560 -28.25 6.31 -0.80
N SER A 561 -27.87 7.17 0.16
CA SER A 561 -27.38 8.50 -0.20
C SER A 561 -25.97 8.43 -0.78
N ASN A 562 -25.11 7.58 -0.20
CA ASN A 562 -23.80 7.35 -0.78
C ASN A 562 -23.89 6.69 -2.15
N LEU A 563 -25.01 6.01 -2.44
CA LEU A 563 -25.20 5.42 -3.76
C LEU A 563 -25.46 6.49 -4.81
N CYS A 564 -26.33 7.46 -4.50
CA CYS A 564 -26.61 8.54 -5.44
C CYS A 564 -25.38 9.38 -5.70
N LEU A 565 -24.46 9.48 -4.73
CA LEU A 565 -23.20 10.15 -4.97
C LEU A 565 -22.41 9.46 -6.06
N LYS A 566 -22.27 8.14 -5.98
CA LYS A 566 -21.52 7.39 -6.97
C LYS A 566 -22.23 7.39 -8.32
N ILE A 567 -23.55 7.21 -8.32
CA ILE A 567 -24.28 7.02 -9.57
C ILE A 567 -24.29 8.31 -10.38
N ASN A 568 -24.49 9.46 -9.73
CA ASN A 568 -24.60 10.72 -10.46
C ASN A 568 -23.34 11.01 -11.27
N VAL A 569 -22.17 10.87 -10.65
CA VAL A 569 -20.93 11.13 -11.38
C VAL A 569 -20.65 10.04 -12.39
N LYS A 570 -21.11 8.81 -12.14
CA LYS A 570 -20.98 7.74 -13.12
C LYS A 570 -21.89 7.95 -14.34
N LEU A 571 -22.82 8.89 -14.27
CA LEU A 571 -23.64 9.28 -15.41
C LEU A 571 -23.22 10.63 -15.97
N GLY A 572 -22.02 11.09 -15.65
CA GLY A 572 -21.53 12.36 -16.15
C GLY A 572 -21.91 13.57 -15.32
N GLY A 573 -22.46 13.37 -14.11
CA GLY A 573 -22.86 14.48 -13.29
C GLY A 573 -21.74 15.02 -12.42
N VAL A 574 -22.04 16.13 -11.74
CA VAL A 574 -21.13 16.77 -10.81
C VAL A 574 -21.82 16.85 -9.46
N ASN A 575 -21.33 16.09 -8.49
CA ASN A 575 -21.94 16.10 -7.16
C ASN A 575 -21.66 17.42 -6.45
N ASN A 576 -20.42 17.90 -6.51
CA ASN A 576 -20.04 19.12 -5.82
C ASN A 576 -18.72 19.62 -6.39
N ILE A 577 -18.51 20.93 -6.26
CA ILE A 577 -17.26 21.57 -6.65
C ILE A 577 -16.77 22.44 -5.50
N LEU A 578 -15.45 22.60 -5.43
CA LEU A 578 -14.86 23.50 -4.44
C LEU A 578 -15.33 24.93 -4.69
N LEU A 579 -15.40 25.71 -3.62
CA LEU A 579 -15.74 27.12 -3.72
C LEU A 579 -14.75 27.83 -4.63
N PRO A 580 -15.15 28.22 -5.85
CA PRO A 580 -14.20 28.86 -6.77
C PRO A 580 -13.71 30.21 -6.28
N GLN A 581 -14.49 30.88 -5.44
CA GLN A 581 -14.06 32.16 -4.88
C GLN A 581 -12.79 32.00 -4.07
N GLY A 582 -12.75 30.99 -3.20
CA GLY A 582 -11.55 30.69 -2.44
C GLY A 582 -10.78 29.53 -3.03
N ARG A 583 -9.86 29.83 -3.95
CA ARG A 583 -9.11 28.81 -4.65
C ARG A 583 -7.69 29.33 -4.90
N PRO A 584 -6.68 28.48 -4.82
CA PRO A 584 -5.29 28.93 -5.01
C PRO A 584 -5.08 29.53 -6.39
N PRO A 585 -4.03 30.34 -6.56
CA PRO A 585 -3.81 30.99 -7.87
C PRO A 585 -3.39 30.04 -8.98
N VAL A 586 -3.17 28.75 -8.69
CA VAL A 586 -2.85 27.81 -9.74
C VAL A 586 -4.01 27.55 -10.68
N PHE A 587 -5.23 27.95 -10.29
CA PHE A 587 -6.40 27.85 -11.14
C PHE A 587 -6.64 29.09 -11.99
N GLN A 588 -5.81 30.13 -11.83
CA GLN A 588 -5.89 31.28 -12.72
C GLN A 588 -5.61 30.87 -14.17
N GLN A 589 -4.76 29.87 -14.36
CA GLN A 589 -4.45 29.28 -15.64
C GLN A 589 -5.07 27.91 -15.75
N PRO A 590 -5.15 27.34 -16.95
CA PRO A 590 -5.61 25.94 -17.08
C PRO A 590 -4.54 24.98 -16.59
N VAL A 591 -4.93 24.10 -15.68
CA VAL A 591 -4.01 23.15 -15.06
C VAL A 591 -4.70 21.79 -14.98
N ILE A 592 -3.95 20.73 -15.24
CA ILE A 592 -4.45 19.36 -15.20
C ILE A 592 -3.82 18.65 -14.02
N PHE A 593 -4.59 17.76 -13.40
CA PHE A 593 -4.15 17.02 -12.22
C PHE A 593 -4.11 15.53 -12.55
N LEU A 594 -2.99 14.90 -12.26
CA LEU A 594 -2.77 13.50 -12.58
C LEU A 594 -2.51 12.68 -11.33
N GLY A 595 -2.95 11.42 -11.36
CA GLY A 595 -2.68 10.48 -10.29
C GLY A 595 -2.30 9.12 -10.85
N ALA A 596 -1.25 8.52 -10.30
CA ALA A 596 -0.74 7.25 -10.82
C ALA A 596 -0.41 6.31 -9.68
N ASP A 597 -0.76 5.04 -9.86
CA ASP A 597 -0.50 4.00 -8.86
C ASP A 597 -0.41 2.66 -9.58
N VAL A 598 0.44 1.78 -9.05
CA VAL A 598 0.64 0.44 -9.58
C VAL A 598 0.28 -0.56 -8.50
N THR A 599 -0.62 -1.49 -8.82
CA THR A 599 -1.04 -2.54 -7.90
C THR A 599 -0.52 -3.88 -8.40
N HIS A 600 0.23 -4.58 -7.56
CA HIS A 600 0.85 -5.86 -7.88
C HIS A 600 0.04 -7.02 -7.31
N PRO A 601 0.07 -8.18 -7.96
CA PRO A 601 -0.63 -9.37 -7.46
C PRO A 601 0.25 -10.27 -6.60
N LYS A 608 -0.31 -12.32 -12.46
CA LYS A 608 1.09 -12.07 -12.76
C LYS A 608 1.43 -10.60 -13.06
N PRO A 609 0.76 -9.98 -14.04
CA PRO A 609 1.18 -8.63 -14.44
C PRO A 609 0.75 -7.56 -13.45
N SER A 610 1.66 -6.64 -13.17
CA SER A 610 1.32 -5.46 -12.39
C SER A 610 0.46 -4.53 -13.25
N ILE A 611 -0.49 -3.87 -12.59
CA ILE A 611 -1.48 -3.04 -13.29
C ILE A 611 -1.26 -1.59 -12.88
N ALA A 612 -0.99 -0.74 -13.87
CA ALA A 612 -0.75 0.69 -13.65
C ALA A 612 -1.91 1.50 -14.23
N ALA A 613 -2.37 2.48 -13.46
CA ALA A 613 -3.46 3.35 -13.87
C ALA A 613 -3.06 4.80 -13.66
N VAL A 614 -3.40 5.64 -14.64
CA VAL A 614 -3.13 7.07 -14.58
C VAL A 614 -4.43 7.80 -14.88
N VAL A 615 -4.89 8.63 -13.94
CA VAL A 615 -6.13 9.37 -14.06
C VAL A 615 -5.80 10.85 -14.23
N GLY A 616 -6.57 11.54 -15.05
CA GLY A 616 -6.32 12.94 -15.33
C GLY A 616 -7.55 13.80 -15.09
N SER A 617 -7.30 15.02 -14.66
CA SER A 617 -8.37 15.99 -14.47
C SER A 617 -8.99 16.37 -15.81
N MET A 618 -10.29 16.65 -15.78
CA MET A 618 -11.01 16.96 -17.01
C MET A 618 -11.84 18.24 -16.86
N ASP A 619 -12.23 18.56 -15.64
CA ASP A 619 -12.86 19.84 -15.36
C ASP A 619 -11.81 20.87 -14.99
N ALA A 620 -12.26 22.11 -14.84
CA ALA A 620 -11.47 23.14 -14.16
C ALA A 620 -11.96 23.37 -12.73
N HIS A 621 -12.92 22.55 -12.28
CA HIS A 621 -13.52 22.71 -10.96
C HIS A 621 -12.54 22.40 -9.82
N PRO A 622 -11.85 21.25 -9.86
CA PRO A 622 -11.91 20.06 -10.72
C PRO A 622 -12.74 18.93 -10.11
N ASN A 623 -13.67 18.38 -10.88
CA ASN A 623 -14.52 17.30 -10.40
C ASN A 623 -14.45 16.07 -11.28
N ARG A 624 -14.81 16.18 -12.57
CA ARG A 624 -14.83 15.02 -13.45
C ARG A 624 -13.41 14.65 -13.87
N TYR A 625 -13.13 13.35 -13.90
CA TYR A 625 -11.83 12.82 -14.28
C TYR A 625 -12.01 11.76 -15.36
N CYS A 626 -10.89 11.35 -15.94
CA CYS A 626 -10.88 10.26 -16.91
C CYS A 626 -9.65 9.40 -16.64
N ALA A 627 -9.80 8.10 -16.89
CA ALA A 627 -8.84 7.10 -16.45
C ALA A 627 -8.22 6.37 -17.62
N THR A 628 -6.90 6.14 -17.53
CA THR A 628 -6.18 5.29 -18.46
C THR A 628 -5.40 4.26 -17.64
N VAL A 629 -5.54 2.98 -18.01
CA VAL A 629 -4.94 1.89 -17.27
C VAL A 629 -4.27 0.93 -18.25
N ARG A 630 -3.07 0.49 -17.91
CA ARG A 630 -2.29 -0.43 -18.74
C ARG A 630 -1.75 -1.56 -17.88
N VAL A 631 -1.20 -2.57 -18.56
CA VAL A 631 -0.50 -3.66 -17.92
C VAL A 631 0.98 -3.56 -18.27
N GLN A 632 1.82 -4.16 -17.41
CA GLN A 632 3.25 -4.09 -17.61
C GLN A 632 3.91 -5.25 -16.86
N GLN A 633 5.22 -5.17 -16.70
CA GLN A 633 6.02 -6.28 -16.18
C GLN A 633 5.62 -6.61 -14.75
N HIS A 634 5.69 -7.91 -14.42
CA HIS A 634 5.40 -8.38 -13.08
C HIS A 634 6.29 -7.69 -12.05
N ARG A 635 5.66 -7.15 -11.01
CA ARG A 635 6.36 -6.49 -9.90
C ARG A 635 7.19 -5.30 -10.37
N GLN A 636 6.77 -4.64 -11.45
CA GLN A 636 7.44 -3.47 -11.96
C GLN A 636 6.76 -2.21 -11.43
N GLU A 637 7.55 -1.33 -10.81
CA GLU A 637 7.00 -0.11 -10.22
C GLU A 637 7.05 1.07 -11.19
N ILE A 638 7.94 1.04 -12.17
CA ILE A 638 8.00 2.11 -13.17
C ILE A 638 6.88 1.90 -14.20
N ILE A 639 6.54 2.99 -14.89
CA ILE A 639 5.46 2.98 -15.87
C ILE A 639 6.07 3.40 -17.20
N GLN A 640 6.31 2.42 -18.09
CA GLN A 640 6.85 2.75 -19.39
C GLN A 640 5.83 3.48 -20.26
N ASP A 641 4.56 3.06 -20.20
CA ASP A 641 3.50 3.67 -20.98
C ASP A 641 3.01 4.98 -20.38
N LEU A 642 3.81 5.61 -19.51
CA LEU A 642 3.40 6.90 -18.97
C LEU A 642 3.39 7.96 -20.05
N ALA A 643 4.33 7.89 -21.00
CA ALA A 643 4.30 8.81 -22.13
C ALA A 643 3.04 8.64 -22.96
N ALA A 644 2.61 7.39 -23.16
CA ALA A 644 1.39 7.15 -23.94
C ALA A 644 0.15 7.55 -23.15
N MET A 645 0.10 7.20 -21.86
CA MET A 645 -1.10 7.45 -21.07
C MET A 645 -1.27 8.94 -20.78
N VAL A 646 -0.20 9.62 -20.38
CA VAL A 646 -0.31 11.04 -20.07
C VAL A 646 -0.73 11.83 -21.31
N ARG A 647 -0.15 11.49 -22.46
CA ARG A 647 -0.54 12.15 -23.71
C ARG A 647 -2.01 11.92 -24.01
N GLU A 648 -2.43 10.65 -24.05
CA GLU A 648 -3.84 10.33 -24.26
C GLU A 648 -4.72 11.02 -23.23
N LEU A 649 -4.29 11.03 -21.96
CA LEU A 649 -5.02 11.76 -20.94
C LEU A 649 -5.08 13.25 -21.26
N LEU A 650 -3.93 13.85 -21.58
CA LEU A 650 -3.88 15.27 -21.85
C LEU A 650 -4.53 15.62 -23.18
N ILE A 651 -4.63 14.66 -24.11
CA ILE A 651 -5.40 14.87 -25.33
C ILE A 651 -6.88 15.03 -25.01
N GLN A 652 -7.40 14.16 -24.13
CA GLN A 652 -8.79 14.27 -23.71
C GLN A 652 -9.06 15.56 -22.94
N PHE A 653 -8.02 16.18 -22.38
CA PHE A 653 -8.22 17.45 -21.69
C PHE A 653 -8.58 18.55 -22.67
N TYR A 654 -7.90 18.61 -23.81
CA TYR A 654 -8.23 19.61 -24.82
C TYR A 654 -9.61 19.38 -25.40
N LYS A 655 -10.00 18.12 -25.60
CA LYS A 655 -11.30 17.83 -26.18
C LYS A 655 -12.43 18.26 -25.25
N SER A 656 -12.22 18.13 -23.93
CA SER A 656 -13.25 18.49 -22.96
C SER A 656 -13.19 19.94 -22.54
N THR A 657 -11.98 20.49 -22.37
CA THR A 657 -11.83 21.85 -21.86
C THR A 657 -11.64 22.90 -22.94
N ARG A 658 -11.22 22.50 -24.14
CA ARG A 658 -10.86 23.40 -25.24
C ARG A 658 -9.55 24.12 -24.96
N PHE A 659 -8.86 23.75 -23.88
CA PHE A 659 -7.62 24.41 -23.47
C PHE A 659 -6.47 23.41 -23.44
N LYS A 660 -5.25 23.95 -23.51
CA LYS A 660 -4.07 23.16 -23.21
C LYS A 660 -3.59 23.46 -21.80
N PRO A 661 -3.40 22.46 -20.96
CA PRO A 661 -3.06 22.73 -19.54
C PRO A 661 -1.67 23.33 -19.41
N THR A 662 -1.61 24.54 -18.84
CA THR A 662 -0.33 25.22 -18.65
C THR A 662 0.55 24.49 -17.65
N ARG A 663 -0.05 23.72 -16.75
CA ARG A 663 0.71 23.03 -15.70
C ARG A 663 0.17 21.63 -15.53
N ILE A 664 1.07 20.66 -15.36
CA ILE A 664 0.72 19.30 -15.00
C ILE A 664 1.09 19.10 -13.54
N ILE A 665 0.10 18.71 -12.74
CA ILE A 665 0.31 18.42 -11.32
C ILE A 665 0.22 16.92 -11.17
N PHE A 666 1.39 16.26 -11.10
CA PHE A 666 1.47 14.81 -11.05
C PHE A 666 1.52 14.33 -9.60
N TYR A 667 0.60 13.45 -9.24
CA TYR A 667 0.58 12.82 -7.92
C TYR A 667 0.88 11.33 -8.10
N ARG A 668 2.03 10.91 -7.61
CA ARG A 668 2.51 9.54 -7.78
C ARG A 668 2.40 8.80 -6.45
N ASP A 669 1.91 7.57 -6.49
CA ASP A 669 1.69 6.77 -5.29
C ASP A 669 2.47 5.46 -5.37
N GLY A 670 2.91 5.00 -4.21
CA GLY A 670 3.57 3.71 -4.11
C GLY A 670 5.05 3.70 -4.39
N VAL A 671 5.72 4.85 -4.34
CA VAL A 671 7.14 4.96 -4.65
C VAL A 671 7.90 5.20 -3.35
N SER A 672 8.83 4.30 -3.04
CA SER A 672 9.72 4.46 -1.91
C SER A 672 10.96 5.25 -2.34
N GLU A 673 11.65 5.83 -1.34
CA GLU A 673 12.82 6.64 -1.64
C GLU A 673 13.93 5.83 -2.29
N GLY A 674 13.96 4.51 -2.07
CA GLY A 674 14.88 3.67 -2.83
C GLY A 674 14.57 3.64 -4.30
N GLN A 675 13.39 4.11 -4.71
CA GLN A 675 13.00 4.18 -6.10
C GLN A 675 12.82 5.62 -6.59
N PHE A 676 13.05 6.62 -5.73
CA PHE A 676 12.87 8.01 -6.14
C PHE A 676 13.75 8.35 -7.33
N GLN A 677 15.04 8.03 -7.26
CA GLN A 677 15.94 8.31 -8.38
C GLN A 677 15.58 7.48 -9.60
N GLN A 678 14.96 6.32 -9.40
CA GLN A 678 14.58 5.48 -10.54
C GLN A 678 13.24 5.90 -11.13
N VAL A 679 12.28 6.26 -10.28
CA VAL A 679 10.95 6.65 -10.76
C VAL A 679 10.99 8.05 -11.37
N LEU A 680 11.55 9.02 -10.65
CA LEU A 680 11.56 10.40 -11.13
C LEU A 680 12.29 10.51 -12.46
N HIS A 681 13.40 9.78 -12.62
CA HIS A 681 14.17 9.88 -13.86
C HIS A 681 13.34 9.47 -15.06
N HIS A 682 12.69 8.31 -15.00
CA HIS A 682 11.92 7.82 -16.14
C HIS A 682 10.58 8.52 -16.25
N GLU A 683 9.83 8.59 -15.16
CA GLU A 683 8.44 9.06 -15.23
C GLU A 683 8.37 10.54 -15.62
N LEU A 684 9.34 11.34 -15.17
CA LEU A 684 9.35 12.75 -15.58
C LEU A 684 9.72 12.88 -17.05
N LEU A 685 10.60 12.01 -17.55
CA LEU A 685 10.93 12.02 -18.96
C LEU A 685 9.75 11.53 -19.79
N ALA A 686 9.01 10.54 -19.30
CA ALA A 686 7.83 10.06 -20.00
C ALA A 686 6.74 11.12 -20.03
N ILE A 687 6.55 11.82 -18.92
CA ILE A 687 5.56 12.89 -18.89
C ILE A 687 6.00 14.08 -19.74
N ARG A 688 7.30 14.21 -20.00
CA ARG A 688 7.80 15.22 -20.92
C ARG A 688 7.76 14.74 -22.37
N GLU A 689 7.93 13.43 -22.59
CA GLU A 689 7.73 12.87 -23.92
C GLU A 689 6.27 12.98 -24.36
N ALA A 690 5.33 12.87 -23.41
CA ALA A 690 3.92 12.99 -23.75
C ALA A 690 3.59 14.40 -24.22
N CYS A 691 4.16 15.42 -23.56
CA CYS A 691 3.87 16.80 -23.92
C CYS A 691 4.52 17.17 -25.25
N ILE A 692 5.71 16.63 -25.53
CA ILE A 692 6.43 17.03 -26.73
C ILE A 692 5.87 16.37 -27.99
N LYS A 693 5.18 15.23 -27.85
CA LYS A 693 4.59 14.60 -29.02
C LYS A 693 3.36 15.37 -29.51
N LEU A 694 2.70 16.12 -28.63
CA LEU A 694 1.58 16.93 -29.06
C LEU A 694 2.03 18.07 -29.96
N GLU A 695 2.86 18.96 -29.43
CA GLU A 695 3.38 20.09 -30.20
C GLU A 695 4.87 20.22 -29.93
N LYS A 696 5.59 20.78 -30.91
CA LYS A 696 7.03 20.92 -30.80
C LYS A 696 7.43 21.88 -29.68
N ASP A 697 6.55 22.82 -29.33
CA ASP A 697 6.87 23.83 -28.33
C ASP A 697 5.89 23.83 -27.15
N TYR A 698 5.12 22.75 -26.98
CA TYR A 698 4.26 22.61 -25.81
C TYR A 698 5.13 22.22 -24.64
N GLN A 699 5.53 23.21 -23.83
CA GLN A 699 6.44 23.02 -22.71
C GLN A 699 5.79 23.54 -21.44
N PRO A 700 4.87 22.78 -20.86
CA PRO A 700 4.24 23.18 -19.60
C PRO A 700 5.10 22.75 -18.41
N GLY A 701 4.64 23.14 -17.22
CA GLY A 701 5.37 22.87 -16.00
C GLY A 701 4.85 21.63 -15.30
N ILE A 702 5.78 20.75 -14.94
CA ILE A 702 5.47 19.48 -14.31
C ILE A 702 5.72 19.60 -12.81
N THR A 703 4.75 19.15 -12.02
CA THR A 703 4.88 19.05 -10.57
C THR A 703 4.82 17.57 -10.20
N PHE A 704 5.97 17.00 -9.86
CA PHE A 704 6.07 15.58 -9.51
C PHE A 704 5.99 15.45 -7.99
N ILE A 705 4.89 14.88 -7.50
CA ILE A 705 4.65 14.71 -6.08
C ILE A 705 4.46 13.22 -5.81
N VAL A 706 5.38 12.64 -5.04
CA VAL A 706 5.23 11.27 -4.56
C VAL A 706 4.46 11.33 -3.24
N VAL A 707 3.35 10.59 -3.18
CA VAL A 707 2.57 10.49 -1.96
C VAL A 707 2.94 9.19 -1.27
N GLN A 708 2.81 9.18 0.05
CA GLN A 708 3.15 8.00 0.84
C GLN A 708 2.17 7.87 2.00
N LYS A 709 1.47 6.73 2.05
CA LYS A 709 0.65 6.38 3.19
C LYS A 709 1.21 5.21 3.98
N ARG A 710 2.09 4.41 3.38
CA ARG A 710 2.70 3.26 4.03
C ARG A 710 4.02 3.60 4.70
N HIS A 711 4.14 4.79 5.27
CA HIS A 711 5.30 5.15 6.08
C HIS A 711 5.02 4.73 7.53
N HIS A 712 5.74 5.31 8.49
CA HIS A 712 5.56 4.97 9.90
C HIS A 712 5.52 6.19 10.81
N THR A 713 5.44 7.39 10.25
CA THR A 713 5.34 8.59 11.07
C THR A 713 3.95 8.68 11.70
N ARG A 714 3.92 8.99 13.00
CA ARG A 714 2.67 9.14 13.74
C ARG A 714 2.67 10.48 14.46
N LEU A 715 1.52 11.12 14.50
CA LEU A 715 1.35 12.40 15.18
C LEU A 715 0.21 12.30 16.19
N PHE A 716 0.48 12.73 17.42
CA PHE A 716 -0.49 12.69 18.50
C PHE A 716 -0.68 14.08 19.08
N CYS A 717 -1.86 14.33 19.63
CA CYS A 717 -2.18 15.63 20.20
C CYS A 717 -1.55 15.79 21.58
N THR A 718 -0.85 16.91 21.78
CA THR A 718 -0.29 17.20 23.10
C THR A 718 -1.38 17.55 24.09
N ASP A 719 -2.33 18.39 23.69
CA ASP A 719 -3.43 18.79 24.55
C ASP A 719 -4.62 17.87 24.32
N LYS A 720 -5.22 17.39 25.40
CA LYS A 720 -6.42 16.56 25.29
C LYS A 720 -7.60 17.33 24.71
N ASN A 721 -7.56 18.66 24.79
CA ASN A 721 -8.62 19.50 24.25
C ASN A 721 -8.52 19.68 22.73
N GLU A 722 -7.57 19.01 22.08
CA GLU A 722 -7.47 19.01 20.63
C GLU A 722 -7.67 17.64 20.00
N ARG A 723 -7.81 16.59 20.80
CA ARG A 723 -8.12 15.27 20.27
C ARG A 723 -9.55 15.25 19.73
N VAL A 724 -9.75 14.50 18.66
CA VAL A 724 -11.03 14.46 17.94
C VAL A 724 -11.56 13.04 17.98
N GLY A 725 -12.69 12.85 18.65
CA GLY A 725 -13.38 11.59 18.65
C GLY A 725 -12.80 10.58 19.62
N LYS A 726 -13.42 9.40 19.63
CA LYS A 726 -12.91 8.30 20.45
C LYS A 726 -11.53 7.82 19.99
N SER A 727 -11.17 8.09 18.73
CA SER A 727 -9.84 7.72 18.26
C SER A 727 -8.76 8.53 18.97
N GLY A 728 -9.09 9.72 19.46
CA GLY A 728 -8.09 10.60 20.02
C GLY A 728 -7.07 11.08 19.02
N ASN A 729 -7.40 11.04 17.73
CA ASN A 729 -6.46 11.36 16.67
C ASN A 729 -6.34 12.87 16.48
N ILE A 730 -5.47 13.27 15.55
CA ILE A 730 -5.24 14.67 15.24
C ILE A 730 -6.36 15.15 14.32
N PRO A 731 -6.63 16.45 14.26
CA PRO A 731 -7.68 16.94 13.37
C PRO A 731 -7.25 16.91 11.90
N ALA A 732 -8.25 17.00 11.02
CA ALA A 732 -7.99 17.02 9.60
C ALA A 732 -7.27 18.30 9.20
N GLY A 733 -6.43 18.20 8.18
CA GLY A 733 -5.65 19.32 7.72
C GLY A 733 -4.40 19.61 8.52
N THR A 734 -3.98 18.68 9.39
CA THR A 734 -2.77 18.87 10.17
C THR A 734 -1.54 18.70 9.28
N THR A 735 -0.77 19.78 9.13
CA THR A 735 0.39 19.81 8.25
C THR A 735 1.65 20.04 9.05
N VAL A 736 2.73 19.36 8.67
CA VAL A 736 4.02 19.48 9.35
C VAL A 736 5.10 19.71 8.31
N ASP A 737 5.76 20.87 8.38
CA ASP A 737 6.92 21.17 7.57
C ASP A 737 8.23 21.03 8.33
N THR A 738 8.21 21.26 9.64
CA THR A 738 9.41 21.42 10.43
C THR A 738 9.75 20.15 11.19
N LYS A 739 10.93 20.17 11.81
CA LYS A 739 11.37 19.19 12.79
C LYS A 739 11.65 17.80 12.20
N ILE A 740 10.61 17.11 11.71
CA ILE A 740 10.73 15.70 11.38
C ILE A 740 10.67 15.46 9.86
N THR A 741 10.82 16.50 9.06
CA THR A 741 10.80 16.35 7.62
C THR A 741 12.23 16.28 7.08
N HIS A 742 12.35 16.09 5.76
CA HIS A 742 13.65 16.06 5.12
C HIS A 742 14.33 17.42 5.30
N PRO A 743 15.61 17.46 5.68
CA PRO A 743 16.22 18.76 6.01
C PRO A 743 16.33 19.70 4.83
N THR A 744 16.92 19.25 3.72
CA THR A 744 17.18 20.12 2.58
C THR A 744 16.03 20.17 1.59
N GLU A 745 15.42 19.02 1.28
CA GLU A 745 14.45 18.95 0.21
C GLU A 745 13.08 19.47 0.68
N PHE A 746 12.09 19.38 -0.20
CA PHE A 746 10.75 19.91 0.02
C PHE A 746 9.79 18.75 0.21
N ASP A 747 9.25 18.62 1.43
CA ASP A 747 8.30 17.58 1.76
C ASP A 747 7.50 18.02 2.97
N PHE A 748 6.40 17.32 3.22
CA PHE A 748 5.57 17.61 4.38
C PHE A 748 4.61 16.45 4.63
N TYR A 749 4.22 16.29 5.89
CA TYR A 749 3.16 15.37 6.25
C TYR A 749 1.85 16.13 6.33
N LEU A 750 0.79 15.51 5.83
CA LEU A 750 -0.53 16.16 5.79
C LEU A 750 -1.60 15.13 6.11
N CYS A 751 -2.34 15.37 7.20
CA CYS A 751 -3.48 14.53 7.57
C CYS A 751 -4.72 15.18 6.95
N SER A 752 -4.96 14.84 5.68
CA SER A 752 -6.10 15.42 4.96
C SER A 752 -7.44 14.98 5.53
N HIS A 753 -7.49 13.82 6.19
CA HIS A 753 -8.73 13.23 6.68
C HIS A 753 -8.82 13.33 8.19
N ALA A 754 -9.93 12.85 8.73
CA ALA A 754 -10.12 12.70 10.16
C ALA A 754 -10.17 11.22 10.51
N GLY A 755 -9.56 10.85 11.63
CA GLY A 755 -9.47 9.46 12.01
C GLY A 755 -10.71 8.90 12.67
N ILE A 756 -11.35 7.92 12.02
CA ILE A 756 -12.50 7.24 12.60
C ILE A 756 -12.04 6.12 13.51
N GLN A 757 -11.04 5.36 13.10
CA GLN A 757 -10.64 4.13 13.76
C GLN A 757 -9.12 4.10 13.91
N GLY A 758 -8.65 3.55 15.02
CA GLY A 758 -7.24 3.38 15.25
C GLY A 758 -6.47 4.69 15.28
N THR A 759 -5.18 4.57 14.98
CA THR A 759 -4.30 5.73 14.89
C THR A 759 -4.20 6.18 13.44
N SER A 760 -4.47 7.47 13.21
CA SER A 760 -4.37 8.02 11.87
C SER A 760 -2.92 8.00 11.39
N ARG A 761 -2.73 7.62 10.14
CA ARG A 761 -1.42 7.73 9.52
C ARG A 761 -1.42 8.89 8.56
N PRO A 762 -0.74 10.00 8.87
CA PRO A 762 -0.81 11.19 8.00
C PRO A 762 -0.08 10.93 6.69
N SER A 763 -0.72 11.31 5.59
CA SER A 763 -0.11 11.14 4.29
C SER A 763 1.10 12.05 4.13
N HIS A 764 2.17 11.51 3.57
CA HIS A 764 3.41 12.24 3.34
C HIS A 764 3.58 12.52 1.84
N TYR A 765 3.96 13.74 1.52
CA TYR A 765 4.10 14.18 0.12
C TYR A 765 5.52 14.69 -0.10
N HIS A 766 6.28 13.97 -0.90
CA HIS A 766 7.64 14.36 -1.26
C HIS A 766 7.63 14.83 -2.72
N VAL A 767 8.01 16.09 -2.94
CA VAL A 767 7.94 16.71 -4.25
C VAL A 767 9.31 16.58 -4.90
N LEU A 768 9.39 15.80 -5.97
CA LEU A 768 10.65 15.52 -6.63
C LEU A 768 10.99 16.52 -7.72
N TRP A 769 9.98 17.09 -8.38
CA TRP A 769 10.20 18.07 -9.43
C TRP A 769 9.08 19.09 -9.40
N ASP A 770 9.44 20.37 -9.53
CA ASP A 770 8.45 21.44 -9.50
C ASP A 770 8.99 22.61 -10.30
N ASP A 771 8.50 22.77 -11.53
CA ASP A 771 8.79 23.95 -12.33
C ASP A 771 7.84 25.10 -12.05
N ASN A 772 6.65 24.81 -11.50
CA ASN A 772 5.62 25.82 -11.29
C ASN A 772 5.95 26.77 -10.15
N ARG A 773 7.10 26.63 -9.48
CA ARG A 773 7.57 27.63 -8.54
C ARG A 773 6.62 27.74 -7.34
N PHE A 774 6.19 26.60 -6.83
CA PHE A 774 5.20 26.57 -5.76
C PHE A 774 5.81 27.03 -4.44
N SER A 775 4.95 27.61 -3.61
CA SER A 775 5.27 27.82 -2.21
C SER A 775 4.84 26.60 -1.40
N SER A 776 5.34 26.53 -0.16
CA SER A 776 4.93 25.42 0.71
C SER A 776 3.45 25.51 1.06
N ASP A 777 2.96 26.73 1.34
CA ASP A 777 1.55 26.91 1.66
C ASP A 777 0.66 26.48 0.50
N GLU A 778 0.88 27.06 -0.68
CA GLU A 778 -0.03 26.86 -1.80
C GLU A 778 -0.18 25.40 -2.17
N LEU A 779 0.91 24.63 -2.07
CA LEU A 779 0.84 23.22 -2.40
C LEU A 779 0.19 22.41 -1.29
N GLN A 780 0.43 22.78 -0.04
CA GLN A 780 -0.22 22.09 1.08
C GLN A 780 -1.73 22.35 1.07
N ILE A 781 -2.14 23.58 0.79
CA ILE A 781 -3.57 23.87 0.69
C ILE A 781 -4.15 23.18 -0.54
N LEU A 782 -3.43 23.18 -1.66
CA LEU A 782 -3.90 22.50 -2.86
C LEU A 782 -4.08 21.01 -2.61
N THR A 783 -3.12 20.39 -1.92
CA THR A 783 -3.25 18.98 -1.59
C THR A 783 -4.43 18.73 -0.67
N TYR A 784 -4.63 19.61 0.31
CA TYR A 784 -5.76 19.47 1.22
C TYR A 784 -7.09 19.65 0.48
N GLN A 785 -7.15 20.64 -0.41
CA GLN A 785 -8.40 20.91 -1.12
C GLN A 785 -8.77 19.77 -2.06
N LEU A 786 -7.78 19.14 -2.69
CA LEU A 786 -8.06 18.05 -3.63
C LEU A 786 -8.67 16.84 -2.94
N CYS A 787 -8.31 16.60 -1.67
CA CYS A 787 -8.86 15.46 -0.95
C CYS A 787 -10.34 15.64 -0.63
N HIS A 788 -10.83 16.88 -0.61
CA HIS A 788 -12.27 17.09 -0.42
C HIS A 788 -13.06 16.71 -1.67
N THR A 789 -12.44 16.81 -2.85
CA THR A 789 -13.10 16.56 -4.13
C THR A 789 -13.42 15.10 -4.38
N TYR A 790 -13.27 14.21 -3.40
CA TYR A 790 -13.69 12.83 -3.57
C TYR A 790 -15.20 12.78 -3.75
N VAL A 791 -15.66 11.96 -4.71
CA VAL A 791 -17.04 11.98 -5.14
C VAL A 791 -17.82 10.75 -4.67
N ARG A 792 -17.25 9.98 -3.73
CA ARG A 792 -17.92 8.79 -3.22
C ARG A 792 -18.30 8.91 -1.75
N CYS A 793 -18.04 10.05 -1.12
CA CYS A 793 -18.39 10.27 0.27
C CYS A 793 -18.39 11.77 0.56
N THR A 794 -19.08 12.13 1.63
CA THR A 794 -19.11 13.51 2.10
C THR A 794 -18.01 13.75 3.14
N ARG A 795 -16.78 13.43 2.73
CA ARG A 795 -15.63 13.50 3.61
C ARG A 795 -14.41 13.94 2.83
N SER A 796 -13.35 14.26 3.56
CA SER A 796 -12.00 14.21 3.04
C SER A 796 -11.46 12.79 3.16
N VAL A 797 -10.47 12.47 2.34
CA VAL A 797 -9.93 11.12 2.25
C VAL A 797 -8.42 11.15 2.51
N SER A 798 -7.81 9.98 2.44
CA SER A 798 -6.39 9.85 2.77
C SER A 798 -5.52 10.64 1.79
N ILE A 799 -5.69 10.43 0.51
CA ILE A 799 -4.83 11.01 -0.52
C ILE A 799 -5.70 11.88 -1.42
N PRO A 800 -5.09 12.78 -2.21
CA PRO A 800 -5.87 13.54 -3.18
C PRO A 800 -6.63 12.62 -4.14
N ALA A 801 -7.80 13.11 -4.58
CA ALA A 801 -8.65 12.32 -5.45
C ALA A 801 -7.96 11.76 -6.69
N PRO A 802 -7.08 12.48 -7.39
CA PRO A 802 -6.38 11.85 -8.52
C PRO A 802 -5.61 10.60 -8.12
N ALA A 803 -4.76 10.69 -7.10
CA ALA A 803 -4.03 9.51 -6.64
C ALA A 803 -4.98 8.46 -6.07
N TYR A 804 -6.13 8.89 -5.55
CA TYR A 804 -7.11 7.93 -5.05
C TYR A 804 -7.83 7.25 -6.21
N TYR A 805 -8.27 8.03 -7.19
CA TYR A 805 -8.96 7.45 -8.35
C TYR A 805 -8.04 6.50 -9.11
N ALA A 806 -6.74 6.81 -9.17
CA ALA A 806 -5.79 5.90 -9.80
C ALA A 806 -5.77 4.55 -9.11
N HIS A 807 -6.00 4.53 -7.79
CA HIS A 807 -6.05 3.26 -7.07
C HIS A 807 -7.28 2.45 -7.46
N LEU A 808 -8.44 3.12 -7.60
CA LEU A 808 -9.65 2.42 -8.03
C LEU A 808 -9.48 1.84 -9.42
N VAL A 809 -8.91 2.60 -10.35
CA VAL A 809 -8.85 2.19 -11.75
C VAL A 809 -7.93 0.98 -11.90
N ALA A 810 -6.72 1.05 -11.31
CA ALA A 810 -5.83 -0.10 -11.34
C ALA A 810 -6.44 -1.30 -10.61
N PHE A 811 -7.23 -1.05 -9.57
CA PHE A 811 -7.91 -2.13 -8.88
C PHE A 811 -9.13 -2.61 -9.65
N ARG A 812 -9.81 -1.71 -10.37
CA ARG A 812 -10.94 -2.13 -11.21
C ARG A 812 -10.47 -2.98 -12.39
N ALA A 813 -9.28 -2.69 -12.93
CA ALA A 813 -8.74 -3.51 -14.00
C ALA A 813 -8.40 -4.92 -13.53
N ARG A 814 -8.19 -5.11 -12.22
CA ARG A 814 -7.92 -6.46 -11.72
C ARG A 814 -9.12 -7.37 -11.88
N TYR A 815 -10.33 -6.84 -11.73
CA TYR A 815 -11.54 -7.63 -11.91
C TYR A 815 -11.86 -7.89 -13.38
N HIS A 816 -11.16 -7.23 -14.31
CA HIS A 816 -11.21 -7.57 -15.73
C HIS A 816 -10.31 -8.75 -16.08
N LEU A 817 -10.14 -9.69 -15.15
CA LEU A 817 -9.25 -10.84 -15.33
C LEU A 817 -7.83 -10.39 -15.65
N HIS A 839 -0.21 -11.83 -25.86
CA HIS A 839 -0.72 -11.15 -24.68
C HIS A 839 -1.43 -9.85 -25.06
N GLN A 840 -1.97 -9.81 -26.28
CA GLN A 840 -2.76 -8.67 -26.70
C GLN A 840 -4.12 -8.66 -26.02
N ALA A 841 -4.61 -9.82 -25.59
CA ALA A 841 -5.95 -9.90 -25.01
C ALA A 841 -6.00 -9.27 -23.62
N LEU A 842 -4.92 -9.38 -22.85
CA LEU A 842 -4.90 -8.76 -21.53
C LEU A 842 -5.04 -7.25 -21.63
N ALA A 843 -4.24 -6.62 -22.50
CA ALA A 843 -4.42 -5.19 -22.76
C ALA A 843 -5.78 -4.92 -23.39
N LYS A 844 -6.28 -5.86 -24.19
CA LYS A 844 -7.64 -5.72 -24.73
C LYS A 844 -8.69 -5.87 -23.64
N ALA A 845 -8.42 -6.72 -22.64
CA ALA A 845 -9.36 -6.86 -21.53
C ALA A 845 -9.29 -5.65 -20.60
N VAL A 846 -8.09 -5.09 -20.42
CA VAL A 846 -7.94 -3.90 -19.58
C VAL A 846 -8.46 -2.66 -20.30
N GLN A 847 -8.46 -2.65 -21.63
CA GLN A 847 -9.00 -1.54 -22.38
C GLN A 847 -10.50 -1.40 -22.12
N VAL A 848 -10.97 -0.16 -22.05
CA VAL A 848 -12.35 0.14 -21.70
C VAL A 848 -13.07 0.69 -22.93
N HIS A 849 -14.40 0.61 -22.90
CA HIS A 849 -15.22 1.06 -24.02
C HIS A 849 -15.15 2.58 -24.15
N GLN A 850 -15.53 3.07 -25.33
CA GLN A 850 -15.41 4.49 -25.62
C GLN A 850 -16.41 5.33 -24.83
N ASP A 851 -17.67 4.87 -24.74
CA ASP A 851 -18.68 5.64 -24.05
C ASP A 851 -18.48 5.61 -22.53
N THR A 852 -17.90 4.53 -22.01
CA THR A 852 -17.57 4.48 -20.59
C THR A 852 -16.32 5.30 -20.28
N LEU A 853 -15.37 5.34 -21.21
CA LEU A 853 -14.18 6.15 -21.03
C LEU A 853 -14.49 7.63 -20.96
N ARG A 854 -15.70 8.03 -21.36
CA ARG A 854 -16.07 9.44 -21.36
C ARG A 854 -16.05 10.03 -19.95
N THR A 855 -16.47 9.25 -18.97
CA THR A 855 -16.54 9.73 -17.59
C THR A 855 -15.99 8.66 -16.66
N MET A 856 -16.33 8.76 -15.38
CA MET A 856 -15.70 7.96 -14.32
C MET A 856 -16.53 6.70 -14.10
N TYR A 857 -16.23 5.65 -14.87
CA TYR A 857 -16.83 4.34 -14.65
C TYR A 857 -16.34 3.69 -13.37
N PHE A 858 -15.22 4.14 -12.83
CA PHE A 858 -14.54 3.50 -11.71
C PHE A 858 -15.05 3.96 -10.35
N ALA A 859 -15.61 5.16 -10.26
CA ALA A 859 -16.04 5.73 -8.99
C ALA A 859 -17.34 5.09 -8.50
#